data_5WHB
#
_entry.id   5WHB
#
_cell.length_a   41.002
_cell.length_b   232.043
_cell.length_c   47.924
_cell.angle_alpha   90.00
_cell.angle_beta   90.10
_cell.angle_gamma   90.00
#
_symmetry.space_group_name_H-M   'P 1 21 1'
#
loop_
_entity.id
_entity.type
_entity.pdbx_description
1 polymer 'GTPase KRas'
2 polymer 'Ras binder peptide: 225-11 (A30R)'
3 non-polymer "GUANOSINE-5'-DIPHOSPHATE"
4 non-polymer 'MAGNESIUM ION'
5 non-polymer 'CALCIUM ION'
6 water water
#
loop_
_entity_poly.entity_id
_entity_poly.type
_entity_poly.pdbx_seq_one_letter_code
_entity_poly.pdbx_strand_id
1 'polypeptide(L)'
;GGGGMTEYKLVVVGAVGVGKSALTIQLIQNHFVDEYDPTIEDSYRKQVVIDGETCLLDILDTAGQEEYSAMRDQYMRTGE
GFLCVFAINNTKSFEDIHHYREQIKRVKDSEDVPMVLVGNKCDLPSRTVDTKQAQDLARSYGIPFIETSAKTRQGVDDAF
YTLVREIRKH
;
A,D,G,J
2 'polypeptide(L)' GSGGPRRPRCPGDDASIEDLHEYWARLWNYLYRVA B,C,E,F,H,I,K,L
#
loop_
_chem_comp.id
_chem_comp.type
_chem_comp.name
_chem_comp.formula
CA non-polymer 'CALCIUM ION' 'Ca 2'
GDP RNA linking GUANOSINE-5'-DIPHOSPHATE 'C10 H15 N5 O11 P2'
MG non-polymer 'MAGNESIUM ION' 'Mg 2'
#
# COMPACT_ATOMS: atom_id res chain seq x y z
N MET A 5 22.54 -12.73 3.60
CA MET A 5 22.73 -11.35 3.19
C MET A 5 22.23 -10.38 4.25
N THR A 6 23.13 -9.95 5.14
CA THR A 6 22.74 -8.99 6.16
C THR A 6 22.89 -7.58 5.64
N GLU A 7 23.64 -7.45 4.55
CA GLU A 7 23.90 -6.16 3.93
C GLU A 7 23.36 -6.09 2.50
N TYR A 8 22.75 -4.97 2.15
CA TYR A 8 22.18 -4.80 0.82
C TYR A 8 22.65 -3.51 0.16
N LYS A 9 23.04 -3.61 -1.11
CA LYS A 9 23.43 -2.45 -1.90
C LYS A 9 22.29 -2.03 -2.82
N LEU A 10 21.76 -0.83 -2.60
CA LEU A 10 20.64 -0.34 -3.40
C LEU A 10 21.01 0.92 -4.17
N VAL A 11 20.71 0.92 -5.46
CA VAL A 11 20.99 2.06 -6.32
C VAL A 11 19.70 2.70 -6.84
N VAL A 12 19.56 4.00 -6.66
CA VAL A 12 18.37 4.72 -7.11
C VAL A 12 18.63 5.45 -8.43
N VAL A 13 17.96 5.02 -9.49
CA VAL A 13 18.14 5.65 -10.80
C VAL A 13 16.84 6.29 -11.28
N GLY A 14 16.99 7.30 -12.15
CA GLY A 14 15.84 8.01 -12.68
C GLY A 14 16.24 9.34 -13.30
N ALA A 15 15.27 10.03 -13.90
CA ALA A 15 15.53 11.32 -14.52
C ALA A 15 15.83 12.39 -13.48
N VAL A 16 16.36 13.52 -13.93
CA VAL A 16 16.71 14.62 -13.03
C VAL A 16 15.45 15.31 -12.50
N GLY A 17 15.35 15.43 -11.19
CA GLY A 17 14.27 16.17 -10.56
C GLY A 17 13.05 15.33 -10.23
N VAL A 18 13.15 14.01 -10.35
CA VAL A 18 12.04 13.12 -10.05
C VAL A 18 11.92 12.90 -8.54
N GLY A 19 13.00 13.18 -7.81
CA GLY A 19 12.97 13.10 -6.37
C GLY A 19 13.77 11.96 -5.76
N LYS A 20 14.79 11.49 -6.48
CA LYS A 20 15.62 10.39 -5.99
C LYS A 20 16.30 10.73 -4.67
N SER A 21 16.86 11.94 -4.59
CA SER A 21 17.50 12.39 -3.37
C SER A 21 16.49 12.53 -2.23
N ALA A 22 15.33 13.10 -2.54
CA ALA A 22 14.28 13.30 -1.55
C ALA A 22 13.77 11.97 -0.99
N LEU A 23 13.78 10.94 -1.83
CA LEU A 23 13.36 9.61 -1.42
C LEU A 23 14.38 8.97 -0.48
N THR A 24 15.67 9.20 -0.78
CA THR A 24 16.74 8.67 0.04
C THR A 24 16.77 9.38 1.40
N ILE A 25 16.68 10.70 1.36
CA ILE A 25 16.66 11.52 2.56
C ILE A 25 15.48 11.15 3.47
N GLN A 26 14.31 10.95 2.86
CA GLN A 26 13.13 10.54 3.61
C GLN A 26 13.17 9.08 4.02
N LEU A 27 14.29 8.41 3.76
CA LEU A 27 14.48 7.04 4.21
C LEU A 27 15.47 7.01 5.37
N ILE A 28 16.50 7.84 5.28
CA ILE A 28 17.59 7.82 6.25
C ILE A 28 17.33 8.69 7.48
N GLN A 29 16.97 9.95 7.25
CA GLN A 29 16.93 10.95 8.32
C GLN A 29 15.87 10.70 9.42
N ASN A 30 14.58 10.56 9.12
CA ASN A 30 13.99 10.62 7.79
C ASN A 30 12.96 11.76 7.67
N HIS A 31 13.35 12.82 6.96
CA HIS A 31 12.50 13.99 6.82
C HIS A 31 12.54 14.53 5.39
N PHE A 32 11.68 15.50 5.10
CA PHE A 32 11.59 16.07 3.75
C PHE A 32 12.07 17.52 3.76
N VAL A 33 12.86 17.86 2.76
CA VAL A 33 13.39 19.22 2.64
C VAL A 33 12.72 19.98 1.50
N ILE A 40 21.13 16.28 1.06
CA ILE A 40 21.93 16.00 2.25
C ILE A 40 22.77 14.75 2.03
N GLU A 41 24.08 14.90 2.19
CA GLU A 41 25.02 13.81 1.99
C GLU A 41 25.58 13.34 3.32
N ASP A 42 24.81 13.52 4.39
CA ASP A 42 25.25 13.17 5.73
C ASP A 42 25.37 11.65 5.90
N SER A 43 24.36 10.92 5.43
CA SER A 43 24.37 9.47 5.56
C SER A 43 23.68 8.79 4.38
N TYR A 44 24.11 7.57 4.07
CA TYR A 44 23.49 6.77 3.03
C TYR A 44 23.34 5.33 3.51
N ARG A 45 23.14 5.17 4.81
CA ARG A 45 23.10 3.85 5.42
C ARG A 45 22.05 3.77 6.52
N LYS A 46 21.27 2.69 6.52
CA LYS A 46 20.23 2.51 7.53
C LYS A 46 20.06 1.04 7.92
N GLN A 47 19.86 0.81 9.21
CA GLN A 47 19.60 -0.52 9.74
C GLN A 47 18.10 -0.68 10.01
N VAL A 48 17.48 -1.65 9.34
CA VAL A 48 16.05 -1.88 9.49
C VAL A 48 15.70 -3.36 9.54
N VAL A 49 14.46 -3.65 9.94
CA VAL A 49 13.97 -5.01 10.01
C VAL A 49 12.91 -5.26 8.94
N ILE A 50 13.16 -6.23 8.07
CA ILE A 50 12.23 -6.57 7.01
C ILE A 50 11.87 -8.05 7.06
N ASP A 51 10.58 -8.33 7.22
CA ASP A 51 10.06 -9.69 7.29
C ASP A 51 10.73 -10.52 8.39
N GLY A 52 10.93 -9.89 9.55
CA GLY A 52 11.44 -10.59 10.71
C GLY A 52 12.95 -10.79 10.75
N GLU A 53 13.65 -10.19 9.79
CA GLU A 53 15.11 -10.30 9.74
C GLU A 53 15.76 -8.94 9.54
N THR A 54 16.68 -8.60 10.44
CA THR A 54 17.36 -7.31 10.37
C THR A 54 18.33 -7.28 9.19
N CYS A 55 18.56 -6.09 8.65
CA CYS A 55 19.45 -5.93 7.51
C CYS A 55 19.96 -4.50 7.39
N LEU A 56 21.17 -4.36 6.84
CA LEU A 56 21.78 -3.06 6.62
C LEU A 56 21.63 -2.63 5.18
N LEU A 57 21.24 -1.38 4.96
CA LEU A 57 20.98 -0.88 3.61
C LEU A 57 21.92 0.26 3.24
N ASP A 58 22.68 0.08 2.16
CA ASP A 58 23.50 1.14 1.60
C ASP A 58 22.84 1.69 0.34
N ILE A 59 22.68 3.00 0.28
CA ILE A 59 21.94 3.61 -0.84
C ILE A 59 22.83 4.48 -1.71
N LEU A 60 22.88 4.15 -3.00
CA LEU A 60 23.56 4.99 -3.98
C LEU A 60 22.56 5.90 -4.69
N ASP A 61 22.59 7.18 -4.35
CA ASP A 61 21.70 8.15 -4.98
C ASP A 61 22.36 8.78 -6.19
N THR A 62 22.12 8.19 -7.36
CA THR A 62 22.74 8.64 -8.60
C THR A 62 22.33 10.07 -8.94
N ALA A 63 23.32 10.94 -9.09
CA ALA A 63 23.06 12.35 -9.38
C ALA A 63 23.89 12.83 -10.56
N GLY A 64 23.40 13.87 -11.24
CA GLY A 64 24.10 14.45 -12.36
C GLY A 64 23.64 13.87 -13.68
N GLN A 65 24.06 14.49 -14.78
CA GLN A 65 23.71 14.01 -16.12
C GLN A 65 24.34 12.65 -16.40
N GLU A 66 23.71 11.90 -17.29
CA GLU A 66 24.25 10.62 -17.71
C GLU A 66 25.48 10.81 -18.60
N GLU A 67 26.50 10.01 -18.35
CA GLU A 67 27.74 10.09 -19.10
C GLU A 67 28.41 8.73 -19.16
N TYR A 68 29.33 8.56 -20.10
CA TYR A 68 30.15 7.37 -20.13
C TYR A 68 31.19 7.45 -19.03
N SER A 69 31.27 6.41 -18.21
CA SER A 69 32.23 6.36 -17.12
C SER A 69 32.46 4.93 -16.67
N ALA A 70 33.70 4.47 -16.80
CA ALA A 70 34.08 3.13 -16.39
C ALA A 70 33.89 2.95 -14.88
N MET A 71 34.13 4.03 -14.13
CA MET A 71 33.99 3.99 -12.68
C MET A 71 32.53 3.94 -12.26
N ARG A 72 31.69 4.74 -12.90
CA ARG A 72 30.26 4.74 -12.62
C ARG A 72 29.63 3.39 -12.92
N ASP A 73 30.13 2.72 -13.94
CA ASP A 73 29.68 1.37 -14.27
C ASP A 73 30.00 0.41 -13.13
N GLN A 74 31.20 0.57 -12.57
CA GLN A 74 31.64 -0.25 -11.46
C GLN A 74 30.81 0.03 -10.21
N TYR A 75 30.45 1.30 -10.03
CA TYR A 75 29.66 1.72 -8.87
C TYR A 75 28.26 1.13 -8.93
N MET A 76 27.65 1.15 -10.12
CA MET A 76 26.33 0.57 -10.30
C MET A 76 26.37 -0.95 -10.22
N ARG A 77 27.46 -1.53 -10.70
CA ARG A 77 27.63 -2.98 -10.69
C ARG A 77 27.68 -3.53 -9.27
N THR A 78 28.08 -2.67 -8.33
CA THR A 78 28.13 -3.03 -6.93
C THR A 78 26.72 -3.25 -6.37
N GLY A 79 25.77 -2.47 -6.88
CA GLY A 79 24.39 -2.55 -6.43
C GLY A 79 23.74 -3.89 -6.72
N GLU A 80 22.97 -4.39 -5.76
CA GLU A 80 22.26 -5.65 -5.92
C GLU A 80 20.81 -5.39 -6.32
N GLY A 81 20.27 -4.25 -5.90
CA GLY A 81 18.90 -3.88 -6.23
C GLY A 81 18.83 -2.49 -6.81
N PHE A 82 17.84 -2.26 -7.67
CA PHE A 82 17.73 -0.97 -8.36
C PHE A 82 16.32 -0.40 -8.29
N LEU A 83 16.23 0.88 -7.93
CA LEU A 83 14.95 1.60 -7.95
C LEU A 83 14.86 2.47 -9.20
N CYS A 84 13.84 2.22 -10.02
CA CYS A 84 13.59 3.03 -11.21
C CYS A 84 12.50 4.06 -10.92
N VAL A 85 12.93 5.30 -10.67
CA VAL A 85 12.01 6.34 -10.22
C VAL A 85 11.63 7.32 -11.33
N PHE A 86 10.32 7.54 -11.48
CA PHE A 86 9.82 8.56 -12.39
C PHE A 86 8.82 9.46 -11.67
N ALA A 87 8.53 10.61 -12.26
CA ALA A 87 7.55 11.52 -11.68
C ALA A 87 6.22 11.39 -12.43
N ILE A 88 5.13 11.37 -11.67
CA ILE A 88 3.80 11.20 -12.25
C ILE A 88 3.36 12.46 -13.00
N ASN A 89 3.96 13.59 -12.66
CA ASN A 89 3.66 14.85 -13.34
C ASN A 89 4.66 15.12 -14.47
N ASN A 90 5.52 14.14 -14.72
CA ASN A 90 6.52 14.25 -15.78
C ASN A 90 6.47 13.03 -16.70
N THR A 91 5.83 13.19 -17.85
CA THR A 91 5.72 12.11 -18.82
C THR A 91 7.09 11.68 -19.32
N LYS A 92 7.97 12.66 -19.53
CA LYS A 92 9.30 12.41 -20.06
C LYS A 92 10.14 11.52 -19.15
N SER A 93 9.92 11.64 -17.84
CA SER A 93 10.62 10.82 -16.86
C SER A 93 10.16 9.38 -16.95
N PHE A 94 8.88 9.19 -17.28
CA PHE A 94 8.30 7.87 -17.43
C PHE A 94 8.73 7.25 -18.76
N GLU A 95 9.00 8.10 -19.74
CA GLU A 95 9.47 7.66 -21.05
C GLU A 95 10.86 7.04 -20.97
N ASP A 96 11.69 7.61 -20.09
CA ASP A 96 13.10 7.20 -20.00
C ASP A 96 13.31 5.95 -19.17
N ILE A 97 12.22 5.39 -18.64
CA ILE A 97 12.29 4.19 -17.80
C ILE A 97 12.93 3.02 -18.54
N HIS A 98 12.57 2.84 -19.80
CA HIS A 98 13.14 1.78 -20.62
C HIS A 98 14.64 1.96 -20.81
N HIS A 99 15.07 3.22 -20.80
CA HIS A 99 16.48 3.54 -20.97
C HIS A 99 17.31 3.12 -19.76
N TYR A 100 16.84 3.50 -18.57
CA TYR A 100 17.53 3.16 -17.34
C TYR A 100 17.59 1.66 -17.11
N ARG A 101 16.54 0.97 -17.54
CA ARG A 101 16.48 -0.48 -17.41
C ARG A 101 17.57 -1.18 -18.22
N GLU A 102 17.68 -0.80 -19.49
CA GLU A 102 18.67 -1.40 -20.38
C GLU A 102 20.09 -1.12 -19.90
N GLN A 103 20.29 0.05 -19.32
CA GLN A 103 21.60 0.41 -18.78
C GLN A 103 21.97 -0.49 -17.61
N ILE A 104 20.99 -0.75 -16.74
CA ILE A 104 21.20 -1.62 -15.59
C ILE A 104 21.51 -3.04 -16.01
N LYS A 105 20.75 -3.55 -16.98
CA LYS A 105 20.99 -4.90 -17.50
C LYS A 105 22.34 -4.99 -18.19
N ARG A 106 22.79 -3.89 -18.80
CA ARG A 106 24.08 -3.85 -19.48
C ARG A 106 25.21 -3.94 -18.47
N VAL A 107 25.10 -3.19 -17.38
CA VAL A 107 26.14 -3.15 -16.36
C VAL A 107 26.20 -4.45 -15.55
N LYS A 108 25.03 -4.94 -15.15
CA LYS A 108 24.95 -6.16 -14.35
C LYS A 108 25.17 -7.41 -15.19
N ASP A 109 25.08 -7.24 -16.51
CA ASP A 109 25.23 -8.34 -17.46
C ASP A 109 24.25 -9.47 -17.14
N SER A 110 22.97 -9.11 -17.06
CA SER A 110 21.91 -10.08 -16.73
C SER A 110 20.55 -9.54 -17.13
N GLU A 111 19.63 -10.45 -17.47
CA GLU A 111 18.26 -10.06 -17.81
C GLU A 111 17.39 -9.98 -16.56
N ASP A 112 17.70 -10.80 -15.56
CA ASP A 112 16.94 -10.80 -14.32
C ASP A 112 17.68 -10.07 -13.20
N VAL A 113 17.52 -8.75 -13.16
CA VAL A 113 18.10 -7.93 -12.11
C VAL A 113 17.00 -7.44 -11.18
N PRO A 114 17.18 -7.65 -9.86
CA PRO A 114 16.26 -7.15 -8.84
C PRO A 114 15.95 -5.66 -9.03
N MET A 115 14.71 -5.36 -9.34
CA MET A 115 14.32 -4.02 -9.75
C MET A 115 12.90 -3.68 -9.31
N VAL A 116 12.67 -2.41 -8.97
CA VAL A 116 11.35 -1.94 -8.57
C VAL A 116 11.02 -0.62 -9.25
N LEU A 117 9.85 -0.55 -9.89
CA LEU A 117 9.42 0.67 -10.56
C LEU A 117 8.71 1.60 -9.57
N VAL A 118 9.24 2.82 -9.43
CA VAL A 118 8.71 3.77 -8.46
C VAL A 118 8.06 4.97 -9.11
N GLY A 119 6.80 5.23 -8.76
CA GLY A 119 6.10 6.41 -9.22
C GLY A 119 6.05 7.46 -8.12
N ASN A 120 6.93 8.46 -8.22
CA ASN A 120 7.08 9.45 -7.16
C ASN A 120 6.15 10.65 -7.33
N LYS A 121 6.08 11.48 -6.30
CA LYS A 121 5.27 12.70 -6.29
C LYS A 121 3.78 12.43 -6.48
N CYS A 122 3.30 11.34 -5.88
CA CYS A 122 1.89 10.96 -6.02
C CYS A 122 0.99 11.84 -5.15
N ASP A 123 1.59 12.79 -4.43
CA ASP A 123 0.83 13.72 -3.60
C ASP A 123 0.27 14.87 -4.43
N LEU A 124 0.89 15.12 -5.57
CA LEU A 124 0.46 16.20 -6.46
C LEU A 124 -0.85 15.84 -7.16
N PRO A 125 -1.83 16.77 -7.12
CA PRO A 125 -3.14 16.58 -7.72
C PRO A 125 -3.09 16.46 -9.25
N SER A 126 -2.18 17.20 -9.87
CA SER A 126 -2.05 17.18 -11.32
C SER A 126 -1.08 16.10 -11.78
N ARG A 127 -1.61 15.08 -12.46
CA ARG A 127 -0.80 13.96 -12.92
C ARG A 127 -0.84 13.88 -14.44
N THR A 128 0.23 13.34 -15.04
CA THR A 128 0.30 13.17 -16.48
C THR A 128 0.33 11.68 -16.84
N VAL A 129 0.82 10.87 -15.90
CA VAL A 129 0.87 9.42 -16.09
C VAL A 129 -0.01 8.72 -15.07
N ASP A 130 -0.99 7.96 -15.56
CA ASP A 130 -1.91 7.25 -14.69
C ASP A 130 -1.25 6.01 -14.07
N THR A 131 -1.88 5.47 -13.03
CA THR A 131 -1.34 4.31 -12.33
C THR A 131 -1.39 3.05 -13.19
N LYS A 132 -2.43 2.93 -13.99
CA LYS A 132 -2.63 1.75 -14.81
C LYS A 132 -1.55 1.63 -15.88
N GLN A 133 -1.19 2.76 -16.50
CA GLN A 133 -0.18 2.78 -17.54
C GLN A 133 1.19 2.40 -16.98
N ALA A 134 1.41 2.71 -15.72
CA ALA A 134 2.67 2.37 -15.06
C ALA A 134 2.67 0.92 -14.59
N GLN A 135 1.51 0.45 -14.14
CA GLN A 135 1.36 -0.94 -13.71
C GLN A 135 1.59 -1.91 -14.86
N ASP A 136 1.07 -1.57 -16.03
CA ASP A 136 1.20 -2.40 -17.23
C ASP A 136 2.66 -2.51 -17.66
N LEU A 137 3.41 -1.44 -17.46
CA LEU A 137 4.83 -1.42 -17.81
C LEU A 137 5.62 -2.33 -16.86
N ALA A 138 5.36 -2.21 -15.57
CA ALA A 138 6.06 -2.99 -14.56
C ALA A 138 5.65 -4.46 -14.63
N ARG A 139 4.41 -4.71 -15.04
CA ARG A 139 3.90 -6.07 -15.15
C ARG A 139 4.55 -6.80 -16.30
N SER A 140 4.99 -6.06 -17.31
CA SER A 140 5.66 -6.64 -18.46
C SER A 140 7.11 -6.94 -18.13
N TYR A 141 7.69 -6.17 -17.22
CA TYR A 141 9.06 -6.40 -16.77
C TYR A 141 9.12 -7.49 -15.72
N GLY A 142 8.00 -7.72 -15.05
CA GLY A 142 7.93 -8.71 -13.99
C GLY A 142 8.38 -8.13 -12.66
N ILE A 143 8.45 -6.80 -12.60
CA ILE A 143 8.88 -6.10 -11.40
C ILE A 143 7.71 -5.40 -10.71
N PRO A 144 7.78 -5.28 -9.37
CA PRO A 144 6.72 -4.60 -8.61
C PRO A 144 6.65 -3.11 -8.91
N PHE A 145 5.49 -2.51 -8.69
CA PHE A 145 5.31 -1.08 -8.87
C PHE A 145 4.66 -0.44 -7.66
N ILE A 146 5.32 0.54 -7.07
CA ILE A 146 4.81 1.23 -5.90
C ILE A 146 4.84 2.74 -6.10
N GLU A 147 3.69 3.38 -5.91
CA GLU A 147 3.61 4.84 -5.97
C GLU A 147 4.03 5.44 -4.64
N THR A 148 5.00 6.35 -4.70
CA THR A 148 5.56 6.94 -3.48
C THR A 148 5.41 8.45 -3.45
N SER A 149 5.59 9.02 -2.25
CA SER A 149 5.58 10.47 -2.07
C SER A 149 6.57 10.86 -0.98
N ALA A 150 7.69 11.43 -1.38
CA ALA A 150 8.73 11.83 -0.43
C ALA A 150 8.24 12.96 0.48
N LYS A 151 7.38 13.82 -0.04
CA LYS A 151 6.88 14.95 0.72
C LYS A 151 6.04 14.51 1.92
N THR A 152 5.10 13.61 1.68
CA THR A 152 4.21 13.13 2.73
C THR A 152 4.72 11.84 3.36
N ARG A 153 5.93 11.45 2.97
CA ARG A 153 6.56 10.21 3.44
C ARG A 153 5.65 9.00 3.14
N GLN A 154 4.98 9.06 2.01
CA GLN A 154 4.03 8.01 1.63
C GLN A 154 4.68 6.95 0.74
N GLY A 155 4.74 5.72 1.25
CA GLY A 155 5.24 4.60 0.47
C GLY A 155 6.75 4.59 0.26
N VAL A 156 7.45 5.49 0.95
CA VAL A 156 8.90 5.58 0.83
C VAL A 156 9.58 4.29 1.31
N ASP A 157 9.26 3.89 2.54
CA ASP A 157 9.81 2.66 3.10
C ASP A 157 9.36 1.45 2.28
N ASP A 158 8.12 1.50 1.81
CA ASP A 158 7.55 0.41 1.01
C ASP A 158 8.35 0.13 -0.26
N ALA A 159 8.86 1.19 -0.87
CA ALA A 159 9.61 1.07 -2.12
C ALA A 159 10.95 0.38 -1.91
N PHE A 160 11.70 0.84 -0.91
CA PHE A 160 13.01 0.29 -0.63
C PHE A 160 12.92 -1.13 -0.06
N TYR A 161 11.94 -1.37 0.79
CA TYR A 161 11.78 -2.67 1.44
C TYR A 161 11.35 -3.76 0.44
N THR A 162 10.54 -3.36 -0.54
CA THR A 162 10.10 -4.28 -1.58
C THR A 162 11.28 -4.66 -2.47
N LEU A 163 12.18 -3.71 -2.69
CA LEU A 163 13.39 -3.95 -3.47
C LEU A 163 14.28 -4.96 -2.75
N VAL A 164 14.25 -4.93 -1.42
CA VAL A 164 15.00 -5.88 -0.62
C VAL A 164 14.41 -7.28 -0.75
N ARG A 165 13.08 -7.35 -0.81
CA ARG A 165 12.38 -8.61 -1.05
C ARG A 165 12.78 -9.21 -2.38
N GLU A 166 12.87 -8.36 -3.40
CA GLU A 166 13.25 -8.79 -4.74
C GLU A 166 14.63 -9.44 -4.76
N ILE A 167 15.55 -8.86 -3.99
CA ILE A 167 16.90 -9.42 -3.86
C ILE A 167 16.86 -10.77 -3.17
N ARG A 168 16.05 -10.88 -2.13
CA ARG A 168 15.95 -12.12 -1.35
C ARG A 168 15.35 -13.26 -2.16
N LYS A 169 14.44 -12.92 -3.08
CA LYS A 169 13.82 -13.92 -3.94
C LYS A 169 14.83 -14.48 -4.94
N HIS A 170 15.80 -13.65 -5.33
CA HIS A 170 16.82 -14.05 -6.28
C HIS A 170 18.07 -14.53 -5.55
N ARG B 6 33.56 18.86 -0.36
CA ARG B 6 32.43 17.97 -0.10
C ARG B 6 32.88 16.52 -0.08
N ARG B 7 34.19 16.31 -0.14
CA ARG B 7 34.77 14.98 -0.03
C ARG B 7 34.73 14.51 1.43
N PRO B 8 34.18 13.30 1.65
CA PRO B 8 34.05 12.75 3.01
C PRO B 8 35.40 12.57 3.70
N ARG B 9 35.49 13.04 4.94
CA ARG B 9 36.73 12.96 5.71
C ARG B 9 37.10 11.50 5.98
N CYS B 10 38.40 11.24 6.10
CA CYS B 10 38.87 9.90 6.40
C CYS B 10 38.36 9.42 7.76
N PRO B 11 37.93 8.15 7.84
CA PRO B 11 37.37 7.58 9.06
C PRO B 11 38.37 7.54 10.21
N GLY B 12 39.65 7.40 9.90
CA GLY B 12 40.68 7.38 10.91
C GLY B 12 41.13 5.96 11.26
N ASP B 13 42.15 5.86 12.10
CA ASP B 13 42.70 4.56 12.50
C ASP B 13 41.86 3.91 13.59
N ASP B 14 41.16 4.73 14.36
CA ASP B 14 40.33 4.23 15.46
C ASP B 14 38.94 3.84 15.01
N ALA B 15 38.65 4.06 13.73
CA ALA B 15 37.33 3.79 13.19
C ALA B 15 37.00 2.30 13.25
N SER B 16 35.80 1.98 13.73
CA SER B 16 35.34 0.60 13.79
C SER B 16 34.81 0.16 12.42
N ILE B 17 34.41 -1.09 12.31
CA ILE B 17 33.89 -1.63 11.05
C ILE B 17 32.62 -0.89 10.63
N GLU B 18 31.78 -0.56 11.60
CA GLU B 18 30.55 0.16 11.32
C GLU B 18 30.85 1.56 10.79
N ASP B 19 31.87 2.20 11.34
CA ASP B 19 32.30 3.53 10.89
C ASP B 19 32.82 3.48 9.46
N LEU B 20 33.47 2.38 9.11
CA LEU B 20 33.99 2.19 7.76
C LEU B 20 32.86 1.98 6.77
N HIS B 21 31.84 1.23 7.19
CA HIS B 21 30.67 0.99 6.36
C HIS B 21 29.92 2.29 6.07
N GLU B 22 29.79 3.13 7.08
CA GLU B 22 29.13 4.42 6.93
C GLU B 22 29.93 5.33 6.00
N TYR B 23 31.25 5.30 6.14
CA TYR B 23 32.13 6.10 5.28
C TYR B 23 32.06 5.61 3.84
N TRP B 24 32.13 4.29 3.66
CA TRP B 24 32.13 3.69 2.33
C TRP B 24 30.89 4.08 1.54
N ALA B 25 29.76 4.18 2.23
CA ALA B 25 28.50 4.54 1.58
C ALA B 25 28.51 5.98 1.08
N ARG B 26 29.13 6.86 1.87
CA ARG B 26 29.25 8.27 1.50
C ARG B 26 30.30 8.45 0.40
N LEU B 27 31.37 7.66 0.48
CA LEU B 27 32.39 7.66 -0.55
C LEU B 27 31.83 7.12 -1.86
N TRP B 28 30.91 6.15 -1.73
CA TRP B 28 30.27 5.54 -2.88
C TRP B 28 29.50 6.57 -3.71
N ASN B 29 28.76 7.43 -3.02
CA ASN B 29 27.97 8.47 -3.67
C ASN B 29 28.83 9.62 -4.16
N TYR B 30 29.90 9.92 -3.43
CA TYR B 30 30.80 11.00 -3.80
C TYR B 30 31.56 10.67 -5.09
N LEU B 31 32.10 9.46 -5.15
CA LEU B 31 32.88 9.02 -6.31
C LEU B 31 32.03 8.96 -7.57
N TYR B 32 30.76 8.59 -7.42
CA TYR B 32 29.84 8.55 -8.54
C TYR B 32 29.59 9.96 -9.06
N ARG B 33 29.50 10.91 -8.15
CA ARG B 33 29.08 12.27 -8.48
C ARG B 33 30.20 13.10 -9.10
N VAL B 34 31.45 12.77 -8.78
CA VAL B 34 32.59 13.52 -9.29
C VAL B 34 33.11 12.95 -10.60
N ALA B 35 32.46 11.91 -11.10
CA ALA B 35 32.87 11.26 -12.34
C ALA B 35 32.64 12.17 -13.54
N PRO C 5 43.10 -10.62 5.01
CA PRO C 5 42.22 -9.48 5.32
C PRO C 5 43.00 -8.25 5.81
N ARG C 6 43.62 -7.54 4.87
CA ARG C 6 44.39 -6.34 5.20
C ARG C 6 43.51 -5.10 5.14
N ARG C 7 43.42 -4.38 6.26
CA ARG C 7 42.68 -3.12 6.27
C ARG C 7 43.41 -2.05 5.46
N PRO C 8 42.73 -1.49 4.45
CA PRO C 8 43.35 -0.46 3.61
C PRO C 8 43.56 0.85 4.36
N ARG C 9 44.51 1.65 3.90
CA ARG C 9 44.77 2.93 4.52
C ARG C 9 44.12 4.06 3.72
N CYS C 10 43.38 4.91 4.41
CA CYS C 10 42.70 6.05 3.78
C CYS C 10 43.73 7.08 3.33
N PRO C 11 43.71 7.43 2.03
CA PRO C 11 44.62 8.40 1.43
C PRO C 11 44.38 9.82 1.94
N GLY C 12 45.40 10.66 1.88
CA GLY C 12 45.30 12.02 2.38
C GLY C 12 44.54 12.97 1.47
N ASP C 13 44.74 14.27 1.67
CA ASP C 13 44.06 15.28 0.87
C ASP C 13 44.78 15.51 -0.45
N ASP C 14 46.06 15.16 -0.49
CA ASP C 14 46.86 15.27 -1.71
C ASP C 14 46.43 14.23 -2.74
N ALA C 15 45.75 13.20 -2.26
CA ALA C 15 45.33 12.08 -3.10
C ALA C 15 44.37 12.50 -4.21
N SER C 16 44.43 11.78 -5.32
CA SER C 16 43.55 12.02 -6.45
C SER C 16 42.25 11.25 -6.31
N ILE C 17 41.36 11.42 -7.28
CA ILE C 17 40.09 10.70 -7.29
C ILE C 17 40.33 9.20 -7.45
N GLU C 18 41.31 8.85 -8.28
CA GLU C 18 41.67 7.45 -8.49
C GLU C 18 42.13 6.80 -7.19
N ASP C 19 42.87 7.57 -6.38
CA ASP C 19 43.33 7.09 -5.08
C ASP C 19 42.15 6.72 -4.19
N LEU C 20 41.11 7.55 -4.22
CA LEU C 20 39.90 7.30 -3.46
C LEU C 20 39.16 6.09 -4.03
N HIS C 21 39.23 5.93 -5.35
CA HIS C 21 38.60 4.80 -6.03
C HIS C 21 39.28 3.50 -5.65
N GLU C 22 40.61 3.54 -5.55
CA GLU C 22 41.38 2.38 -5.12
C GLU C 22 41.02 2.01 -3.69
N TYR C 23 41.02 3.00 -2.81
CA TYR C 23 40.66 2.79 -1.42
C TYR C 23 39.21 2.33 -1.28
N TRP C 24 38.36 2.82 -2.18
CA TRP C 24 36.96 2.41 -2.21
C TRP C 24 36.84 0.92 -2.54
N ALA C 25 37.62 0.48 -3.52
CA ALA C 25 37.61 -0.92 -3.95
C ALA C 25 38.23 -1.83 -2.90
N ARG C 26 39.26 -1.35 -2.23
CA ARG C 26 39.94 -2.12 -1.19
C ARG C 26 39.08 -2.24 0.06
N LEU C 27 38.41 -1.15 0.44
CA LEU C 27 37.56 -1.13 1.62
C LEU C 27 36.39 -2.09 1.47
N TRP C 28 35.74 -2.05 0.30
CA TRP C 28 34.64 -2.95 -0.01
C TRP C 28 35.08 -4.40 0.09
N ASN C 29 36.27 -4.68 -0.43
CA ASN C 29 36.83 -6.03 -0.39
C ASN C 29 37.14 -6.47 1.04
N TYR C 30 37.64 -5.53 1.84
CA TYR C 30 37.97 -5.81 3.23
C TYR C 30 36.73 -6.06 4.07
N LEU C 31 35.74 -5.19 3.94
CA LEU C 31 34.51 -5.29 4.72
C LEU C 31 33.74 -6.57 4.38
N TYR C 32 33.92 -7.06 3.17
CA TYR C 32 33.22 -8.26 2.72
C TYR C 32 33.81 -9.53 3.35
N ARG C 33 35.14 -9.57 3.45
CA ARG C 33 35.83 -10.76 3.93
C ARG C 33 35.79 -10.88 5.45
N VAL C 34 35.77 -9.74 6.14
CA VAL C 34 35.73 -9.76 7.60
C VAL C 34 34.33 -10.07 8.10
N ALA C 35 33.33 -9.81 7.28
CA ALA C 35 31.95 -10.06 7.65
C ALA C 35 31.57 -11.52 7.39
N MET D 5 -31.72 -17.85 6.90
CA MET D 5 -31.56 -16.49 6.40
C MET D 5 -30.62 -16.46 5.19
N THR D 6 -31.18 -16.35 3.98
CA THR D 6 -30.36 -16.38 2.77
C THR D 6 -29.72 -15.02 2.49
N GLU D 7 -30.40 -13.96 2.91
CA GLU D 7 -29.97 -12.60 2.65
C GLU D 7 -29.14 -12.06 3.80
N TYR D 8 -28.01 -11.42 3.50
CA TYR D 8 -27.17 -10.88 4.56
C TYR D 8 -26.80 -9.41 4.33
N LYS D 9 -26.90 -8.62 5.39
CA LYS D 9 -26.55 -7.20 5.33
C LYS D 9 -25.26 -6.93 6.09
N LEU D 10 -24.19 -6.67 5.35
CA LEU D 10 -22.87 -6.46 5.95
C LEU D 10 -22.42 -5.00 5.83
N VAL D 11 -21.83 -4.49 6.91
CA VAL D 11 -21.37 -3.11 6.94
C VAL D 11 -19.88 -3.04 7.25
N VAL D 12 -19.13 -2.34 6.40
CA VAL D 12 -17.70 -2.18 6.60
C VAL D 12 -17.37 -0.81 7.16
N VAL D 13 -16.76 -0.79 8.36
CA VAL D 13 -16.40 0.47 9.00
C VAL D 13 -14.90 0.52 9.30
N GLY D 14 -14.41 1.72 9.61
CA GLY D 14 -13.00 1.92 9.88
C GLY D 14 -12.55 3.31 9.46
N ALA D 15 -11.29 3.63 9.74
CA ALA D 15 -10.74 4.94 9.40
C ALA D 15 -10.63 5.12 7.89
N VAL D 16 -10.54 6.37 7.46
CA VAL D 16 -10.43 6.67 6.04
C VAL D 16 -9.07 6.28 5.49
N GLY D 17 -9.06 5.53 4.38
CA GLY D 17 -7.83 5.16 3.73
C GLY D 17 -7.22 3.86 4.24
N VAL D 18 -8.03 3.03 4.88
CA VAL D 18 -7.55 1.75 5.39
C VAL D 18 -7.83 0.63 4.39
N GLY D 19 -8.72 0.90 3.43
CA GLY D 19 -8.98 -0.03 2.35
C GLY D 19 -10.38 -0.64 2.37
N LYS D 20 -11.32 0.07 2.98
CA LYS D 20 -12.71 -0.40 3.04
C LYS D 20 -13.31 -0.54 1.65
N SER D 21 -13.13 0.49 0.83
CA SER D 21 -13.62 0.46 -0.55
C SER D 21 -12.85 -0.55 -1.38
N ALA D 22 -11.57 -0.72 -1.07
CA ALA D 22 -10.74 -1.68 -1.77
C ALA D 22 -11.17 -3.11 -1.48
N LEU D 23 -11.52 -3.37 -0.22
CA LEU D 23 -11.99 -4.69 0.18
C LEU D 23 -13.34 -5.01 -0.42
N THR D 24 -14.20 -4.00 -0.50
CA THR D 24 -15.53 -4.15 -1.06
C THR D 24 -15.46 -4.54 -2.54
N ILE D 25 -14.61 -3.84 -3.29
CA ILE D 25 -14.46 -4.10 -4.72
C ILE D 25 -13.85 -5.49 -4.97
N GLN D 26 -12.90 -5.86 -4.14
CA GLN D 26 -12.26 -7.17 -4.22
C GLN D 26 -13.28 -8.29 -4.10
N LEU D 27 -14.20 -8.14 -3.16
CA LEU D 27 -15.22 -9.15 -2.93
C LEU D 27 -16.17 -9.26 -4.13
N ILE D 28 -16.67 -8.12 -4.59
CA ILE D 28 -17.67 -8.09 -5.65
C ILE D 28 -17.08 -8.26 -7.05
N GLN D 29 -16.03 -7.49 -7.35
CA GLN D 29 -15.51 -7.43 -8.71
C GLN D 29 -14.26 -8.29 -8.94
N ASN D 30 -13.67 -8.78 -7.86
CA ASN D 30 -12.46 -9.61 -7.94
C ASN D 30 -11.30 -8.93 -8.66
N HIS D 31 -11.26 -7.61 -8.60
CA HIS D 31 -10.17 -6.83 -9.20
C HIS D 31 -9.79 -5.64 -8.32
N PHE D 32 -8.51 -5.27 -8.37
CA PHE D 32 -8.01 -4.16 -7.57
C PHE D 32 -8.21 -2.83 -8.30
N VAL D 33 -8.32 -1.75 -7.54
CA VAL D 33 -8.57 -0.42 -8.11
C VAL D 33 -7.42 0.04 -9.00
N ASP D 42 -19.75 0.15 -8.08
CA ASP D 42 -21.12 0.30 -8.55
C ASP D 42 -22.02 -0.82 -8.04
N SER D 43 -21.43 -1.97 -7.75
CA SER D 43 -22.20 -3.11 -7.27
C SER D 43 -21.80 -3.49 -5.84
N TYR D 44 -22.78 -3.57 -4.96
CA TYR D 44 -22.53 -3.91 -3.55
C TYR D 44 -23.24 -5.19 -3.19
N ARG D 45 -23.47 -6.04 -4.18
CA ARG D 45 -24.21 -7.28 -3.98
C ARG D 45 -23.51 -8.46 -4.68
N LYS D 46 -23.49 -9.60 -4.01
CA LYS D 46 -22.86 -10.79 -4.58
C LYS D 46 -23.48 -12.07 -4.00
N GLN D 47 -23.64 -13.06 -4.86
CA GLN D 47 -24.17 -14.37 -4.45
C GLN D 47 -23.03 -15.37 -4.27
N VAL D 48 -22.86 -15.85 -3.05
CA VAL D 48 -21.78 -16.78 -2.74
C VAL D 48 -22.28 -18.01 -1.98
N VAL D 49 -21.42 -19.01 -1.87
CA VAL D 49 -21.73 -20.21 -1.11
C VAL D 49 -20.79 -20.33 0.09
N ILE D 50 -21.35 -20.38 1.29
CA ILE D 50 -20.57 -20.47 2.51
C ILE D 50 -21.03 -21.65 3.37
N ASP D 51 -20.10 -22.55 3.69
CA ASP D 51 -20.38 -23.73 4.50
C ASP D 51 -21.48 -24.61 3.90
N GLY D 52 -21.60 -24.60 2.58
CA GLY D 52 -22.57 -25.42 1.89
C GLY D 52 -23.94 -24.79 1.74
N GLU D 53 -24.01 -23.47 1.93
CA GLU D 53 -25.26 -22.75 1.78
C GLU D 53 -25.09 -21.48 0.95
N THR D 54 -26.06 -21.22 0.08
CA THR D 54 -26.04 -20.02 -0.76
C THR D 54 -26.32 -18.78 0.08
N CYS D 55 -25.55 -17.73 -0.15
CA CYS D 55 -25.72 -16.48 0.59
C CYS D 55 -25.83 -15.28 -0.35
N LEU D 56 -26.79 -14.40 -0.07
CA LEU D 56 -26.91 -13.13 -0.78
C LEU D 56 -26.32 -12.02 0.08
N LEU D 57 -25.14 -11.54 -0.30
CA LEU D 57 -24.43 -10.55 0.51
C LEU D 57 -24.67 -9.13 0.02
N ASP D 58 -25.21 -8.29 0.91
CA ASP D 58 -25.36 -6.86 0.65
C ASP D 58 -24.36 -6.08 1.47
N ILE D 59 -23.47 -5.36 0.80
CA ILE D 59 -22.39 -4.66 1.48
C ILE D 59 -22.62 -3.17 1.58
N LEU D 60 -22.51 -2.62 2.78
CA LEU D 60 -22.54 -1.18 2.99
C LEU D 60 -21.13 -0.66 3.20
N ASP D 61 -20.59 0.01 2.19
CA ASP D 61 -19.24 0.55 2.26
C ASP D 61 -19.25 1.98 2.79
N THR D 62 -19.11 2.12 4.10
CA THR D 62 -19.16 3.42 4.75
C THR D 62 -18.03 4.34 4.30
N ALA D 63 -18.36 5.58 3.99
CA ALA D 63 -17.37 6.56 3.56
C ALA D 63 -17.75 7.97 4.03
N GLY D 64 -16.74 8.81 4.19
CA GLY D 64 -16.96 10.18 4.65
C GLY D 64 -16.61 10.32 6.12
N GLN D 65 -16.20 11.53 6.50
CA GLN D 65 -15.82 11.81 7.88
C GLN D 65 -17.00 11.63 8.83
N GLU D 66 -16.70 11.30 10.08
CA GLU D 66 -17.73 11.03 11.08
C GLU D 66 -18.60 12.26 11.37
N GLU D 67 -19.89 12.02 11.54
CA GLU D 67 -20.84 13.08 11.85
C GLU D 67 -22.10 12.50 12.50
N TYR D 68 -22.91 13.36 13.10
CA TYR D 68 -24.19 12.93 13.64
C TYR D 68 -25.22 12.87 12.52
N SER D 69 -25.82 11.71 12.34
CA SER D 69 -26.82 11.52 11.30
C SER D 69 -27.81 10.42 11.68
N ALA D 70 -29.07 10.81 11.86
CA ALA D 70 -30.12 9.87 12.22
C ALA D 70 -30.37 8.86 11.10
N MET D 71 -30.12 9.28 9.87
CA MET D 71 -30.29 8.41 8.71
C MET D 71 -29.15 7.39 8.64
N ARG D 72 -27.93 7.84 8.90
CA ARG D 72 -26.77 6.96 8.89
C ARG D 72 -26.86 5.93 10.01
N ASP D 73 -27.48 6.31 11.12
CA ASP D 73 -27.70 5.39 12.22
C ASP D 73 -28.61 4.25 11.79
N GLN D 74 -29.61 4.56 10.98
CA GLN D 74 -30.55 3.57 10.48
C GLN D 74 -29.88 2.68 9.44
N TYR D 75 -28.95 3.25 8.68
CA TYR D 75 -28.26 2.52 7.62
C TYR D 75 -27.34 1.46 8.20
N MET D 76 -26.74 1.76 9.35
CA MET D 76 -25.87 0.80 10.04
C MET D 76 -26.71 -0.22 10.81
N ARG D 77 -27.87 0.23 11.27
CA ARG D 77 -28.77 -0.62 12.05
C ARG D 77 -29.36 -1.73 11.19
N THR D 78 -29.38 -1.49 9.88
CA THR D 78 -29.86 -2.48 8.93
C THR D 78 -28.85 -3.63 8.81
N GLY D 79 -27.58 -3.30 9.03
CA GLY D 79 -26.52 -4.29 8.97
C GLY D 79 -26.64 -5.35 10.06
N GLU D 80 -26.38 -6.60 9.68
CA GLU D 80 -26.44 -7.71 10.62
C GLU D 80 -25.04 -8.16 11.01
N GLY D 81 -24.06 -7.80 10.19
CA GLY D 81 -22.67 -8.12 10.45
C GLY D 81 -21.78 -6.92 10.21
N PHE D 82 -20.69 -6.84 10.96
CA PHE D 82 -19.81 -5.67 10.87
C PHE D 82 -18.33 -6.05 10.76
N LEU D 83 -17.65 -5.40 9.82
CA LEU D 83 -16.21 -5.54 9.69
C LEU D 83 -15.52 -4.26 10.17
N CYS D 84 -14.72 -4.39 11.23
CA CYS D 84 -13.94 -3.26 11.73
C CYS D 84 -12.55 -3.30 11.12
N VAL D 85 -12.33 -2.46 10.11
CA VAL D 85 -11.09 -2.51 9.33
C VAL D 85 -10.08 -1.45 9.78
N PHE D 86 -8.85 -1.89 9.99
CA PHE D 86 -7.74 -0.98 10.23
C PHE D 86 -6.59 -1.31 9.29
N ALA D 87 -5.54 -0.50 9.32
CA ALA D 87 -4.36 -0.77 8.50
C ALA D 87 -3.17 -1.11 9.40
N ILE D 88 -2.37 -2.06 8.97
CA ILE D 88 -1.22 -2.51 9.75
C ILE D 88 -0.11 -1.47 9.75
N ASN D 89 -0.15 -0.54 8.79
CA ASN D 89 0.84 0.52 8.71
C ASN D 89 0.32 1.83 9.29
N ASN D 90 -0.96 1.85 9.66
CA ASN D 90 -1.57 3.00 10.30
C ASN D 90 -1.93 2.70 11.75
N THR D 91 -1.16 3.24 12.68
CA THR D 91 -1.35 2.96 14.09
C THR D 91 -2.63 3.59 14.63
N LYS D 92 -2.93 4.80 14.17
CA LYS D 92 -4.09 5.54 14.64
C LYS D 92 -5.40 4.83 14.31
N SER D 93 -5.48 4.21 13.15
CA SER D 93 -6.68 3.50 12.73
C SER D 93 -6.96 2.30 13.64
N PHE D 94 -5.89 1.66 14.10
CA PHE D 94 -6.02 0.52 15.00
C PHE D 94 -6.53 0.96 16.37
N GLU D 95 -6.19 2.19 16.75
CA GLU D 95 -6.62 2.75 18.03
C GLU D 95 -8.11 3.06 18.03
N ASP D 96 -8.64 3.39 16.86
CA ASP D 96 -10.03 3.82 16.74
C ASP D 96 -11.01 2.66 16.71
N ILE D 97 -10.47 1.44 16.63
CA ILE D 97 -11.29 0.23 16.57
C ILE D 97 -12.27 0.14 17.75
N HIS D 98 -11.80 0.51 18.93
CA HIS D 98 -12.63 0.49 20.13
C HIS D 98 -13.77 1.50 20.03
N HIS D 99 -13.54 2.57 19.27
CA HIS D 99 -14.54 3.62 19.12
C HIS D 99 -15.60 3.23 18.10
N TYR D 100 -15.18 2.58 17.03
CA TYR D 100 -16.11 2.07 16.03
C TYR D 100 -16.98 0.97 16.60
N ARG D 101 -16.42 0.20 17.53
CA ARG D 101 -17.14 -0.89 18.17
C ARG D 101 -18.26 -0.36 19.06
N GLU D 102 -17.97 0.69 19.81
CA GLU D 102 -18.96 1.33 20.66
C GLU D 102 -20.08 1.93 19.83
N GLN D 103 -19.72 2.47 18.67
CA GLN D 103 -20.70 3.05 17.76
C GLN D 103 -21.69 2.00 17.28
N ILE D 104 -21.18 0.80 17.02
CA ILE D 104 -22.01 -0.31 16.58
C ILE D 104 -22.91 -0.81 17.72
N LYS D 105 -22.35 -0.85 18.93
CA LYS D 105 -23.10 -1.26 20.10
C LYS D 105 -24.25 -0.29 20.40
N ARG D 106 -24.03 0.99 20.14
CA ARG D 106 -25.07 2.00 20.37
C ARG D 106 -26.18 1.89 19.34
N VAL D 107 -25.79 1.79 18.07
CA VAL D 107 -26.73 1.73 16.96
C VAL D 107 -27.58 0.46 17.02
N LYS D 108 -26.92 -0.68 17.21
CA LYS D 108 -27.64 -1.96 17.29
C LYS D 108 -28.32 -2.13 18.64
N ASP D 109 -27.93 -1.29 19.60
CA ASP D 109 -28.46 -1.33 20.96
C ASP D 109 -28.29 -2.72 21.58
N SER D 110 -27.11 -3.29 21.41
CA SER D 110 -26.83 -4.62 21.92
C SER D 110 -25.37 -4.75 22.35
N GLU D 111 -25.14 -5.53 23.41
CA GLU D 111 -23.80 -5.75 23.93
C GLU D 111 -23.02 -6.72 23.04
N ASP D 112 -23.74 -7.65 22.42
CA ASP D 112 -23.13 -8.65 21.56
C ASP D 112 -23.63 -8.52 20.12
N VAL D 113 -22.72 -8.13 19.23
CA VAL D 113 -23.05 -7.96 17.81
C VAL D 113 -22.04 -8.71 16.95
N PRO D 114 -22.53 -9.52 15.99
CA PRO D 114 -21.67 -10.22 15.03
C PRO D 114 -20.64 -9.30 14.39
N MET D 115 -19.37 -9.58 14.61
CA MET D 115 -18.30 -8.67 14.23
C MET D 115 -16.98 -9.39 14.00
N VAL D 116 -16.18 -8.89 13.06
CA VAL D 116 -14.87 -9.46 12.78
C VAL D 116 -13.83 -8.34 12.62
N LEU D 117 -12.73 -8.45 13.36
CA LEU D 117 -11.64 -7.48 13.26
C LEU D 117 -10.77 -7.78 12.04
N VAL D 118 -10.54 -6.76 11.22
CA VAL D 118 -9.79 -6.94 9.98
C VAL D 118 -8.59 -6.01 9.89
N GLY D 119 -7.41 -6.59 9.68
CA GLY D 119 -6.21 -5.81 9.44
C GLY D 119 -5.82 -5.88 7.97
N ASN D 120 -5.89 -4.73 7.30
CA ASN D 120 -5.66 -4.68 5.86
C ASN D 120 -4.23 -4.22 5.51
N LYS D 121 -3.90 -4.27 4.23
CA LYS D 121 -2.61 -3.85 3.71
C LYS D 121 -1.45 -4.66 4.30
N CYS D 122 -1.69 -5.96 4.48
CA CYS D 122 -0.67 -6.84 5.05
C CYS D 122 0.40 -7.18 4.01
N ASP D 123 0.15 -6.80 2.77
CA ASP D 123 1.11 -7.03 1.68
C ASP D 123 2.28 -6.05 1.77
N LEU D 124 2.08 -4.97 2.52
CA LEU D 124 3.12 -3.96 2.69
C LEU D 124 4.17 -4.42 3.70
N PRO D 125 5.46 -4.32 3.32
CA PRO D 125 6.58 -4.67 4.20
C PRO D 125 6.58 -3.90 5.53
N SER D 126 6.49 -2.57 5.47
CA SER D 126 6.53 -1.75 6.68
C SER D 126 5.26 -1.92 7.50
N ARG D 127 5.43 -2.41 8.73
CA ARG D 127 4.31 -2.67 9.63
C ARG D 127 4.48 -1.92 10.94
N THR D 128 3.44 -1.19 11.35
CA THR D 128 3.48 -0.45 12.61
C THR D 128 2.59 -1.10 13.66
N VAL D 129 1.75 -2.03 13.23
CA VAL D 129 0.86 -2.73 14.15
C VAL D 129 1.14 -4.23 14.14
N ASP D 130 1.72 -4.74 15.22
CA ASP D 130 2.06 -6.15 15.34
C ASP D 130 0.81 -7.02 15.33
N THR D 131 0.96 -8.26 14.86
CA THR D 131 -0.17 -9.18 14.72
C THR D 131 -0.71 -9.61 16.09
N LYS D 132 0.20 -9.84 17.04
CA LYS D 132 -0.19 -10.29 18.37
C LYS D 132 -1.04 -9.25 19.10
N GLN D 133 -0.74 -7.98 18.87
CA GLN D 133 -1.47 -6.89 19.50
C GLN D 133 -2.93 -6.86 19.01
N ALA D 134 -3.12 -7.19 17.74
CA ALA D 134 -4.45 -7.22 17.16
C ALA D 134 -5.18 -8.51 17.53
N GLN D 135 -4.42 -9.57 17.75
CA GLN D 135 -4.99 -10.84 18.18
C GLN D 135 -5.54 -10.74 19.60
N ASP D 136 -4.79 -10.04 20.46
CA ASP D 136 -5.19 -9.88 21.85
C ASP D 136 -6.41 -8.97 21.98
N LEU D 137 -6.51 -7.97 21.10
CA LEU D 137 -7.63 -7.06 21.11
C LEU D 137 -8.91 -7.78 20.70
N ALA D 138 -8.83 -8.57 19.65
CA ALA D 138 -9.98 -9.32 19.15
C ALA D 138 -10.36 -10.43 20.13
N ARG D 139 -9.36 -10.95 20.84
CA ARG D 139 -9.58 -11.99 21.84
C ARG D 139 -10.42 -11.45 23.00
N SER D 140 -10.16 -10.21 23.37
CA SER D 140 -10.90 -9.56 24.46
C SER D 140 -12.34 -9.27 24.04
N TYR D 141 -12.53 -8.99 22.76
CA TYR D 141 -13.86 -8.73 22.23
C TYR D 141 -14.63 -10.03 22.01
N GLY D 142 -13.89 -11.12 21.85
CA GLY D 142 -14.50 -12.41 21.55
C GLY D 142 -14.85 -12.51 20.08
N ILE D 143 -14.08 -11.83 19.24
CA ILE D 143 -14.29 -11.83 17.80
C ILE D 143 -13.08 -12.39 17.07
N PRO D 144 -13.32 -12.98 15.88
CA PRO D 144 -12.21 -13.48 15.05
C PRO D 144 -11.35 -12.36 14.49
N PHE D 145 -10.08 -12.65 14.23
CA PHE D 145 -9.18 -11.67 13.62
C PHE D 145 -8.52 -12.24 12.37
N ILE D 146 -8.63 -11.50 11.27
CA ILE D 146 -8.07 -11.94 9.99
C ILE D 146 -7.29 -10.81 9.33
N GLU D 147 -6.05 -11.11 8.93
CA GLU D 147 -5.26 -10.13 8.16
C GLU D 147 -5.58 -10.28 6.68
N THR D 148 -5.78 -9.15 6.00
CA THR D 148 -6.20 -9.18 4.59
C THR D 148 -5.31 -8.32 3.71
N SER D 149 -5.43 -8.52 2.41
CA SER D 149 -4.71 -7.72 1.43
C SER D 149 -5.56 -7.53 0.18
N ALA D 150 -6.12 -6.34 0.02
CA ALA D 150 -6.97 -6.03 -1.13
C ALA D 150 -6.15 -5.97 -2.41
N LYS D 151 -4.84 -5.80 -2.27
CA LYS D 151 -3.96 -5.72 -3.42
C LYS D 151 -3.67 -7.11 -3.99
N THR D 152 -3.56 -8.10 -3.13
CA THR D 152 -3.19 -9.46 -3.54
C THR D 152 -4.37 -10.44 -3.48
N ARG D 153 -5.55 -9.91 -3.14
CA ARG D 153 -6.77 -10.71 -3.03
C ARG D 153 -6.59 -11.84 -2.02
N GLN D 154 -5.91 -11.55 -0.92
CA GLN D 154 -5.65 -12.57 0.09
C GLN D 154 -6.36 -12.27 1.40
N GLY D 155 -7.17 -13.24 1.85
CA GLY D 155 -7.90 -13.09 3.09
C GLY D 155 -9.19 -12.32 2.94
N VAL D 156 -9.43 -11.80 1.73
CA VAL D 156 -10.60 -10.98 1.46
C VAL D 156 -11.89 -11.78 1.59
N ASP D 157 -11.98 -12.88 0.86
CA ASP D 157 -13.15 -13.75 0.91
C ASP D 157 -13.37 -14.31 2.31
N ASP D 158 -12.29 -14.78 2.92
CA ASP D 158 -12.36 -15.36 4.26
C ASP D 158 -12.82 -14.35 5.30
N ALA D 159 -12.56 -13.08 5.06
CA ALA D 159 -12.97 -12.02 5.98
C ALA D 159 -14.49 -11.86 6.00
N PHE D 160 -15.07 -11.67 4.81
CA PHE D 160 -16.51 -11.49 4.69
C PHE D 160 -17.27 -12.77 5.03
N TYR D 161 -16.69 -13.91 4.70
CA TYR D 161 -17.37 -15.19 4.93
C TYR D 161 -17.40 -15.54 6.41
N THR D 162 -16.30 -15.24 7.10
CA THR D 162 -16.22 -15.46 8.54
C THR D 162 -17.25 -14.63 9.28
N LEU D 163 -17.49 -13.42 8.77
CA LEU D 163 -18.50 -12.54 9.34
C LEU D 163 -19.89 -13.18 9.22
N VAL D 164 -20.15 -13.79 8.06
CA VAL D 164 -21.40 -14.50 7.84
C VAL D 164 -21.50 -15.70 8.78
N ARG D 165 -20.38 -16.39 8.97
CA ARG D 165 -20.31 -17.50 9.90
C ARG D 165 -20.65 -17.03 11.32
N GLU D 166 -20.16 -15.84 11.67
CA GLU D 166 -20.42 -15.27 12.99
C GLU D 166 -21.88 -14.90 13.17
N ILE D 167 -22.53 -14.48 12.08
CA ILE D 167 -23.95 -14.19 12.11
C ILE D 167 -24.76 -15.47 12.29
N ARG D 168 -24.33 -16.54 11.63
CA ARG D 168 -25.00 -17.83 11.73
C ARG D 168 -24.90 -18.40 13.15
N LYS D 169 -23.76 -18.17 13.78
CA LYS D 169 -23.55 -18.60 15.16
C LYS D 169 -24.42 -17.79 16.12
N HIS D 170 -24.67 -16.54 15.76
CA HIS D 170 -25.49 -15.65 16.57
C HIS D 170 -26.93 -15.64 16.09
N ARG E 6 -24.21 11.03 -9.03
CA ARG E 6 -23.86 9.69 -8.60
C ARG E 6 -25.05 9.00 -7.93
N ARG E 7 -26.24 9.56 -8.14
CA ARG E 7 -27.46 8.96 -7.65
C ARG E 7 -27.93 7.84 -8.57
N PRO E 8 -28.21 6.66 -7.99
CA PRO E 8 -28.70 5.51 -8.78
C PRO E 8 -30.03 5.82 -9.45
N ARG E 9 -30.14 5.48 -10.73
CA ARG E 9 -31.37 5.74 -11.48
C ARG E 9 -32.45 4.72 -11.14
N CYS E 10 -33.70 5.09 -11.38
CA CYS E 10 -34.83 4.24 -11.03
C CYS E 10 -34.85 2.95 -11.83
N PRO E 11 -35.18 1.83 -11.17
CA PRO E 11 -35.20 0.50 -11.79
C PRO E 11 -36.27 0.34 -12.85
N GLY E 12 -37.46 0.90 -12.59
CA GLY E 12 -38.58 0.78 -13.50
C GLY E 12 -39.54 -0.30 -13.03
N ASP E 13 -40.79 -0.22 -13.48
CA ASP E 13 -41.80 -1.18 -13.07
C ASP E 13 -41.52 -2.59 -13.60
N ASP E 14 -40.78 -2.65 -14.72
CA ASP E 14 -40.48 -3.92 -15.37
C ASP E 14 -39.40 -4.69 -14.62
N ALA E 15 -38.55 -3.95 -13.91
CA ALA E 15 -37.42 -4.53 -13.17
C ALA E 15 -37.84 -5.67 -12.23
N SER E 16 -37.10 -6.76 -12.28
CA SER E 16 -37.39 -7.93 -11.45
C SER E 16 -37.02 -7.68 -9.99
N ILE E 17 -37.28 -8.67 -9.14
CA ILE E 17 -36.98 -8.57 -7.71
C ILE E 17 -35.47 -8.45 -7.49
N GLU E 18 -34.70 -9.23 -8.22
CA GLU E 18 -33.24 -9.21 -8.10
C GLU E 18 -32.69 -7.86 -8.55
N ASP E 19 -33.33 -7.25 -9.53
CA ASP E 19 -32.94 -5.92 -10.01
C ASP E 19 -33.22 -4.87 -8.95
N LEU E 20 -34.26 -5.10 -8.16
CA LEU E 20 -34.60 -4.20 -7.06
C LEU E 20 -33.64 -4.37 -5.89
N HIS E 21 -33.18 -5.60 -5.68
CA HIS E 21 -32.19 -5.88 -4.65
C HIS E 21 -30.87 -5.22 -4.97
N GLU E 22 -30.51 -5.22 -6.25
CA GLU E 22 -29.28 -4.58 -6.71
C GLU E 22 -29.36 -3.07 -6.51
N TYR E 23 -30.50 -2.49 -6.89
CA TYR E 23 -30.70 -1.05 -6.75
C TYR E 23 -30.69 -0.63 -5.27
N TRP E 24 -31.32 -1.43 -4.42
CA TRP E 24 -31.43 -1.13 -3.00
C TRP E 24 -30.06 -1.04 -2.33
N ALA E 25 -29.19 -1.99 -2.64
CA ALA E 25 -27.85 -2.04 -2.07
C ALA E 25 -27.04 -0.83 -2.49
N ARG E 26 -27.24 -0.39 -3.73
CA ARG E 26 -26.56 0.80 -4.25
C ARG E 26 -27.12 2.04 -3.59
N LEU E 27 -28.44 2.08 -3.42
CA LEU E 27 -29.11 3.20 -2.78
C LEU E 27 -28.74 3.25 -1.30
N TRP E 28 -28.52 2.07 -0.73
CA TRP E 28 -28.10 1.94 0.66
C TRP E 28 -26.79 2.69 0.90
N ASN E 29 -25.87 2.56 -0.05
CA ASN E 29 -24.58 3.22 0.05
C ASN E 29 -24.65 4.69 -0.30
N TYR E 30 -25.43 5.03 -1.32
CA TYR E 30 -25.54 6.41 -1.78
C TYR E 30 -26.12 7.33 -0.71
N LEU E 31 -27.15 6.84 -0.02
CA LEU E 31 -27.80 7.64 1.03
C LEU E 31 -26.85 7.91 2.19
N TYR E 32 -25.92 6.99 2.41
CA TYR E 32 -24.92 7.15 3.46
C TYR E 32 -23.94 8.26 3.11
N ARG E 33 -23.55 8.32 1.84
CA ARG E 33 -22.55 9.29 1.37
C ARG E 33 -23.04 10.73 1.47
N VAL E 34 -24.25 10.98 1.00
CA VAL E 34 -24.79 12.33 0.91
C VAL E 34 -25.28 12.87 2.24
N ALA E 35 -25.19 12.06 3.29
CA ALA E 35 -25.63 12.47 4.61
C ALA E 35 -24.69 13.52 5.20
N PRO F 5 -48.82 -6.40 0.53
CA PRO F 5 -47.52 -5.98 0.02
C PRO F 5 -47.61 -5.30 -1.34
N ARG F 6 -47.29 -4.01 -1.39
CA ARG F 6 -47.33 -3.26 -2.64
C ARG F 6 -45.94 -2.76 -3.02
N ARG F 7 -45.61 -2.88 -4.30
CA ARG F 7 -44.32 -2.39 -4.79
C ARG F 7 -44.32 -0.87 -4.84
N PRO F 8 -43.40 -0.25 -4.08
CA PRO F 8 -43.30 1.21 -4.05
C PRO F 8 -42.79 1.76 -5.38
N ARG F 9 -43.17 2.99 -5.71
CA ARG F 9 -42.77 3.59 -6.97
C ARG F 9 -41.53 4.46 -6.81
N CYS F 10 -40.57 4.27 -7.72
CA CYS F 10 -39.30 4.99 -7.66
C CYS F 10 -39.50 6.49 -7.88
N PRO F 11 -39.06 7.31 -6.91
CA PRO F 11 -39.22 8.76 -6.90
C PRO F 11 -38.63 9.44 -8.15
N GLY F 12 -39.20 10.57 -8.53
CA GLY F 12 -38.75 11.30 -9.71
C GLY F 12 -37.38 11.92 -9.54
N ASP F 13 -36.96 12.69 -10.54
CA ASP F 13 -35.65 13.33 -10.51
C ASP F 13 -35.68 14.58 -9.63
N ASP F 14 -36.88 15.09 -9.38
CA ASP F 14 -37.05 16.28 -8.55
C ASP F 14 -37.13 15.91 -7.07
N ALA F 15 -37.11 14.62 -6.78
CA ALA F 15 -37.23 14.13 -5.42
C ALA F 15 -35.99 14.46 -4.59
N SER F 16 -36.20 14.69 -3.30
CA SER F 16 -35.11 15.02 -2.39
C SER F 16 -34.48 13.75 -1.81
N ILE F 17 -33.51 13.94 -0.93
CA ILE F 17 -32.85 12.82 -0.26
C ILE F 17 -33.83 12.10 0.66
N GLU F 18 -34.66 12.86 1.35
CA GLU F 18 -35.66 12.28 2.24
C GLU F 18 -36.63 11.39 1.47
N ASP F 19 -36.98 11.79 0.26
CA ASP F 19 -37.84 10.98 -0.60
C ASP F 19 -37.17 9.65 -0.93
N LEU F 20 -35.85 9.70 -1.12
CA LEU F 20 -35.08 8.49 -1.40
C LEU F 20 -34.99 7.60 -0.17
N HIS F 21 -34.89 8.21 1.01
CA HIS F 21 -34.85 7.48 2.26
C HIS F 21 -36.16 6.75 2.50
N GLU F 22 -37.26 7.42 2.20
CA GLU F 22 -38.59 6.82 2.29
C GLU F 22 -38.70 5.62 1.36
N TYR F 23 -38.26 5.81 0.12
CA TYR F 23 -38.30 4.75 -0.88
C TYR F 23 -37.35 3.62 -0.51
N TRP F 24 -36.22 3.98 0.11
CA TRP F 24 -35.27 2.99 0.61
C TRP F 24 -35.89 2.16 1.71
N ALA F 25 -36.76 2.79 2.50
CA ALA F 25 -37.44 2.12 3.60
C ALA F 25 -38.59 1.27 3.10
N ARG F 26 -39.32 1.78 2.12
CA ARG F 26 -40.45 1.05 1.54
C ARG F 26 -39.97 -0.17 0.77
N LEU F 27 -38.90 -0.01 0.01
CA LEU F 27 -38.36 -1.08 -0.82
C LEU F 27 -37.84 -2.23 0.04
N TRP F 28 -37.23 -1.89 1.17
CA TRP F 28 -36.73 -2.89 2.10
C TRP F 28 -37.86 -3.76 2.63
N ASN F 29 -38.95 -3.10 3.03
CA ASN F 29 -40.11 -3.80 3.56
C ASN F 29 -40.77 -4.68 2.50
N TYR F 30 -40.85 -4.17 1.28
CA TYR F 30 -41.44 -4.91 0.17
C TYR F 30 -40.60 -6.15 -0.16
N LEU F 31 -39.29 -5.96 -0.27
CA LEU F 31 -38.37 -7.06 -0.58
C LEU F 31 -38.33 -8.07 0.56
N TYR F 32 -38.68 -7.62 1.76
CA TYR F 32 -38.75 -8.50 2.93
C TYR F 32 -40.02 -9.36 2.87
N ARG F 33 -41.15 -8.73 2.57
CA ARG F 33 -42.41 -9.44 2.48
C ARG F 33 -42.46 -10.37 1.27
N VAL F 34 -41.91 -9.91 0.15
CA VAL F 34 -41.99 -10.66 -1.10
C VAL F 34 -41.13 -11.91 -1.08
N ALA F 35 -40.24 -12.01 -0.10
CA ALA F 35 -39.38 -13.18 0.04
C ALA F 35 -40.05 -14.23 0.93
N THR G 6 -27.38 17.37 -15.34
CA THR G 6 -27.55 16.00 -15.79
C THR G 6 -27.39 15.89 -17.32
N GLU G 7 -27.09 14.69 -17.78
CA GLU G 7 -26.88 14.43 -19.20
C GLU G 7 -27.97 13.52 -19.74
N TYR G 8 -28.39 13.76 -20.99
CA TYR G 8 -29.44 12.96 -21.61
C TYR G 8 -29.04 12.46 -22.99
N LYS G 9 -29.18 11.15 -23.19
CA LYS G 9 -28.90 10.55 -24.49
C LYS G 9 -30.20 10.33 -25.26
N LEU G 10 -30.37 11.07 -26.36
CA LEU G 10 -31.60 10.98 -27.13
C LEU G 10 -31.38 10.30 -28.48
N VAL G 11 -32.21 9.30 -28.77
CA VAL G 11 -32.09 8.56 -30.03
C VAL G 11 -33.33 8.77 -30.91
N VAL G 12 -33.09 9.17 -32.15
CA VAL G 12 -34.18 9.39 -33.10
C VAL G 12 -34.26 8.26 -34.12
N VAL G 13 -35.35 7.49 -34.06
CA VAL G 13 -35.54 6.39 -35.00
C VAL G 13 -36.69 6.68 -35.96
N GLY G 14 -36.71 5.97 -37.07
CA GLY G 14 -37.72 6.18 -38.09
C GLY G 14 -37.22 5.80 -39.46
N ALA G 15 -38.16 5.60 -40.40
CA ALA G 15 -37.81 5.21 -41.75
C ALA G 15 -36.97 6.27 -42.45
N VAL G 16 -36.24 5.85 -43.49
CA VAL G 16 -35.38 6.76 -44.22
C VAL G 16 -36.17 7.77 -45.03
N GLY G 17 -35.97 9.05 -44.75
CA GLY G 17 -36.60 10.11 -45.52
C GLY G 17 -37.68 10.87 -44.79
N VAL G 18 -37.94 10.49 -43.55
CA VAL G 18 -38.98 11.16 -42.77
C VAL G 18 -38.51 12.53 -42.29
N GLY G 19 -37.20 12.69 -42.15
CA GLY G 19 -36.63 13.97 -41.75
C GLY G 19 -35.95 13.95 -40.39
N LYS G 20 -35.39 12.80 -40.01
CA LYS G 20 -34.67 12.68 -38.75
C LYS G 20 -33.42 13.55 -38.76
N SER G 21 -32.71 13.53 -39.88
CA SER G 21 -31.51 14.35 -40.03
C SER G 21 -31.87 15.83 -40.06
N ALA G 22 -33.00 16.13 -40.69
CA ALA G 22 -33.46 17.52 -40.81
C ALA G 22 -33.88 18.09 -39.46
N LEU G 23 -34.54 17.27 -38.65
CA LEU G 23 -34.97 17.68 -37.33
C LEU G 23 -33.79 17.94 -36.39
N THR G 24 -32.76 17.09 -36.51
CA THR G 24 -31.58 17.21 -35.66
C THR G 24 -30.80 18.48 -35.97
N ILE G 25 -30.64 18.78 -37.26
CA ILE G 25 -29.93 19.98 -37.68
C ILE G 25 -30.63 21.25 -37.19
N GLN G 26 -31.96 21.25 -37.28
CA GLN G 26 -32.76 22.37 -36.80
C GLN G 26 -32.66 22.52 -35.29
N LEU G 27 -32.47 21.41 -34.60
CA LEU G 27 -32.31 21.44 -33.15
C LEU G 27 -30.96 22.05 -32.77
N ILE G 28 -29.91 21.54 -33.40
CA ILE G 28 -28.54 21.96 -33.06
C ILE G 28 -28.12 23.23 -33.78
N GLN G 29 -28.20 23.22 -35.11
CA GLN G 29 -27.68 24.31 -35.93
C GLN G 29 -28.71 25.38 -36.23
N ASN G 30 -29.98 25.07 -35.92
CA ASN G 30 -31.09 26.00 -36.14
C ASN G 30 -31.24 26.47 -37.59
N HIS G 31 -31.12 25.53 -38.53
CA HIS G 31 -31.33 25.86 -39.94
C HIS G 31 -31.83 24.65 -40.72
N PHE G 32 -32.27 24.88 -41.95
CA PHE G 32 -32.80 23.82 -42.79
C PHE G 32 -32.06 23.77 -44.14
N VAL G 33 -31.75 22.56 -44.58
CA VAL G 33 -31.04 22.38 -45.85
C VAL G 33 -32.02 22.33 -47.02
N GLU G 41 -23.52 16.91 -40.82
CA GLU G 41 -23.90 17.15 -39.43
C GLU G 41 -22.72 17.01 -38.50
N ASP G 42 -22.06 18.13 -38.20
CA ASP G 42 -20.90 18.12 -37.32
C ASP G 42 -21.29 17.86 -35.87
N SER G 43 -22.12 18.74 -35.31
CA SER G 43 -22.47 18.67 -33.89
C SER G 43 -23.73 17.84 -33.64
N TYR G 44 -23.69 17.06 -32.56
CA TYR G 44 -24.85 16.30 -32.11
C TYR G 44 -25.10 16.56 -30.63
N ARG G 45 -24.59 17.69 -30.14
CA ARG G 45 -24.67 18.03 -28.73
C ARG G 45 -25.11 19.47 -28.53
N LYS G 46 -26.04 19.68 -27.61
CA LYS G 46 -26.58 21.02 -27.37
C LYS G 46 -26.96 21.23 -25.91
N GLN G 47 -26.60 22.39 -25.38
CA GLN G 47 -26.95 22.75 -24.01
C GLN G 47 -28.25 23.57 -24.00
N VAL G 48 -29.27 23.05 -23.33
CA VAL G 48 -30.58 23.70 -23.31
C VAL G 48 -31.14 23.82 -21.90
N VAL G 49 -32.14 24.68 -21.74
CA VAL G 49 -32.82 24.85 -20.47
C VAL G 49 -34.26 24.34 -20.56
N ILE G 50 -34.53 23.23 -19.90
CA ILE G 50 -35.87 22.62 -19.93
C ILE G 50 -36.49 22.60 -18.54
N ASP G 51 -37.67 23.19 -18.43
CA ASP G 51 -38.40 23.30 -17.17
C ASP G 51 -37.56 23.95 -16.08
N GLY G 52 -36.77 24.95 -16.46
CA GLY G 52 -35.94 25.67 -15.52
C GLY G 52 -34.74 24.87 -15.05
N GLU G 53 -34.31 23.90 -15.85
CA GLU G 53 -33.15 23.09 -15.53
C GLU G 53 -32.29 22.84 -16.75
N THR G 54 -30.98 23.06 -16.62
CA THR G 54 -30.06 22.92 -17.73
C THR G 54 -29.89 21.46 -18.14
N CYS G 55 -29.92 21.21 -19.44
CA CYS G 55 -29.75 19.86 -19.96
C CYS G 55 -28.68 19.81 -21.05
N LEU G 56 -27.83 18.80 -20.97
CA LEU G 56 -26.84 18.54 -22.01
C LEU G 56 -27.30 17.36 -22.86
N LEU G 57 -27.83 17.65 -24.04
CA LEU G 57 -28.44 16.63 -24.87
C LEU G 57 -27.49 16.07 -25.93
N ASP G 58 -27.41 14.74 -25.98
CA ASP G 58 -26.67 14.06 -27.04
C ASP G 58 -27.63 13.35 -27.97
N ILE G 59 -27.55 13.64 -29.26
CA ILE G 59 -28.50 13.11 -30.22
C ILE G 59 -27.89 12.02 -31.10
N LEU G 60 -28.56 10.87 -31.14
CA LEU G 60 -28.19 9.79 -32.05
C LEU G 60 -29.15 9.76 -33.23
N ASP G 61 -28.68 10.24 -34.38
CA ASP G 61 -29.49 10.26 -35.59
C ASP G 61 -29.25 8.99 -36.41
N THR G 62 -30.18 8.04 -36.30
CA THR G 62 -30.07 6.76 -37.00
C THR G 62 -30.07 6.97 -38.52
N ALA G 63 -29.09 6.36 -39.19
CA ALA G 63 -28.95 6.50 -40.63
C ALA G 63 -28.91 5.15 -41.32
N GLY G 64 -29.37 5.11 -42.56
CA GLY G 64 -29.40 3.89 -43.34
C GLY G 64 -30.56 2.99 -42.97
N GLN G 65 -30.79 1.95 -43.77
CA GLN G 65 -31.85 1.01 -43.50
C GLN G 65 -31.55 0.19 -42.25
N GLU G 66 -32.59 -0.41 -41.68
CA GLU G 66 -32.43 -1.19 -40.46
C GLU G 66 -31.84 -2.56 -40.76
N GLU G 67 -30.84 -2.94 -39.98
CA GLU G 67 -30.13 -4.20 -40.17
C GLU G 67 -29.75 -4.82 -38.84
N TYR G 68 -29.41 -6.11 -38.86
CA TYR G 68 -28.93 -6.77 -37.65
C TYR G 68 -27.51 -6.34 -37.34
N SER G 69 -27.32 -5.73 -36.17
CA SER G 69 -26.01 -5.28 -35.75
C SER G 69 -25.91 -5.24 -34.22
N ALA G 70 -24.97 -5.98 -33.67
CA ALA G 70 -24.77 -6.03 -32.22
C ALA G 70 -24.28 -4.70 -31.70
N MET G 71 -23.51 -3.99 -32.52
CA MET G 71 -23.01 -2.67 -32.14
C MET G 71 -24.13 -1.64 -32.13
N ARG G 72 -24.99 -1.69 -33.15
CA ARG G 72 -26.12 -0.76 -33.24
C ARG G 72 -27.07 -0.94 -32.06
N ASP G 73 -27.23 -2.17 -31.62
CA ASP G 73 -28.07 -2.45 -30.46
C ASP G 73 -27.49 -1.79 -29.21
N GLN G 74 -26.17 -1.79 -29.11
CA GLN G 74 -25.49 -1.18 -27.97
C GLN G 74 -25.57 0.34 -28.05
N TYR G 75 -25.50 0.88 -29.26
CA TYR G 75 -25.57 2.31 -29.47
C TYR G 75 -26.95 2.85 -29.10
N MET G 76 -27.98 2.04 -29.35
CA MET G 76 -29.34 2.43 -29.02
C MET G 76 -29.66 2.15 -27.56
N ARG G 77 -29.03 1.12 -27.00
CA ARG G 77 -29.22 0.78 -25.59
C ARG G 77 -28.67 1.89 -24.71
N THR G 78 -27.73 2.66 -25.26
CA THR G 78 -27.17 3.82 -24.57
C THR G 78 -28.23 4.90 -24.39
N GLY G 79 -29.13 5.01 -25.36
CA GLY G 79 -30.17 6.01 -25.33
C GLY G 79 -31.11 5.87 -24.15
N GLU G 80 -31.51 7.00 -23.59
CA GLU G 80 -32.41 7.04 -22.45
C GLU G 80 -33.84 7.34 -22.90
N GLY G 81 -33.95 8.08 -23.99
CA GLY G 81 -35.24 8.41 -24.57
C GLY G 81 -35.21 8.21 -26.07
N PHE G 82 -36.39 7.99 -26.66
CA PHE G 82 -36.48 7.69 -28.08
C PHE G 82 -37.56 8.51 -28.80
N LEU G 83 -37.21 9.00 -29.98
CA LEU G 83 -38.17 9.70 -30.83
C LEU G 83 -38.55 8.82 -32.02
N CYS G 84 -39.84 8.54 -32.16
CA CYS G 84 -40.33 7.76 -33.28
C CYS G 84 -40.94 8.69 -34.33
N VAL G 85 -40.20 8.92 -35.40
CA VAL G 85 -40.57 9.93 -36.39
C VAL G 85 -41.11 9.32 -37.68
N PHE G 86 -42.26 9.84 -38.12
CA PHE G 86 -42.81 9.49 -39.43
C PHE G 86 -43.24 10.76 -40.16
N ALA G 87 -43.36 10.67 -41.47
CA ALA G 87 -43.82 11.80 -42.28
C ALA G 87 -45.32 11.71 -42.53
N ILE G 88 -46.00 12.84 -42.50
CA ILE G 88 -47.45 12.86 -42.63
C ILE G 88 -47.92 12.53 -44.04
N ASN G 89 -46.99 12.54 -44.99
CA ASN G 89 -47.33 12.24 -46.38
C ASN G 89 -46.93 10.82 -46.77
N ASN G 90 -46.28 10.11 -45.85
CA ASN G 90 -45.86 8.74 -46.10
C ASN G 90 -46.53 7.76 -45.14
N THR G 91 -47.49 7.01 -45.67
CA THR G 91 -48.25 6.05 -44.87
C THR G 91 -47.35 4.91 -44.39
N LYS G 92 -46.41 4.51 -45.23
CA LYS G 92 -45.48 3.42 -44.91
C LYS G 92 -44.64 3.73 -43.68
N SER G 93 -44.30 5.01 -43.50
CA SER G 93 -43.50 5.42 -42.36
C SER G 93 -44.30 5.34 -41.06
N PHE G 94 -45.61 5.51 -41.18
CA PHE G 94 -46.49 5.43 -40.02
C PHE G 94 -46.75 3.97 -39.66
N GLU G 95 -46.67 3.10 -40.66
CA GLU G 95 -46.85 1.66 -40.43
C GLU G 95 -45.61 1.04 -39.80
N ASP G 96 -44.48 1.69 -39.95
CA ASP G 96 -43.22 1.20 -39.41
C ASP G 96 -43.05 1.58 -37.94
N ILE G 97 -43.86 2.52 -37.47
CA ILE G 97 -43.79 3.00 -36.09
C ILE G 97 -43.93 1.86 -35.08
N HIS G 98 -44.84 0.93 -35.36
CA HIS G 98 -45.04 -0.22 -34.51
C HIS G 98 -43.78 -1.11 -34.47
N HIS G 99 -43.04 -1.13 -35.56
CA HIS G 99 -41.83 -1.92 -35.65
C HIS G 99 -40.69 -1.30 -34.84
N TYR G 100 -40.50 0.01 -35.02
CA TYR G 100 -39.42 0.72 -34.34
C TYR G 100 -39.62 0.76 -32.83
N ARG G 101 -40.87 0.78 -32.40
CA ARG G 101 -41.18 0.73 -30.97
C ARG G 101 -40.75 -0.61 -30.40
N GLU G 102 -40.95 -1.69 -31.16
CA GLU G 102 -40.60 -3.03 -30.72
C GLU G 102 -39.08 -3.24 -30.68
N GLN G 103 -38.38 -2.58 -31.59
CA GLN G 103 -36.92 -2.66 -31.62
C GLN G 103 -36.33 -2.04 -30.36
N ILE G 104 -36.97 -0.96 -29.89
CA ILE G 104 -36.56 -0.28 -28.67
C ILE G 104 -36.81 -1.17 -27.44
N LYS G 105 -37.95 -1.84 -27.44
CA LYS G 105 -38.32 -2.71 -26.32
C LYS G 105 -37.34 -3.88 -26.18
N ARG G 106 -36.94 -4.47 -27.29
CA ARG G 106 -36.01 -5.59 -27.28
C ARG G 106 -34.62 -5.15 -26.82
N VAL G 107 -34.18 -4.01 -27.33
CA VAL G 107 -32.86 -3.49 -27.03
C VAL G 107 -32.75 -3.04 -25.57
N LYS G 108 -33.74 -2.29 -25.10
CA LYS G 108 -33.73 -1.78 -23.73
C LYS G 108 -34.22 -2.84 -22.74
N ASP G 109 -34.77 -3.93 -23.28
CA ASP G 109 -35.35 -5.01 -22.47
C ASP G 109 -36.36 -4.47 -21.47
N SER G 110 -37.29 -3.64 -21.96
CA SER G 110 -38.32 -3.04 -21.12
C SER G 110 -39.50 -2.57 -21.96
N GLU G 111 -40.66 -2.41 -21.30
CA GLU G 111 -41.86 -1.94 -21.98
C GLU G 111 -42.30 -0.58 -21.45
N ASP G 112 -41.36 0.14 -20.85
CA ASP G 112 -41.62 1.47 -20.32
C ASP G 112 -40.45 2.39 -20.61
N VAL G 113 -40.12 2.53 -21.89
CA VAL G 113 -39.03 3.40 -22.31
C VAL G 113 -39.61 4.76 -22.72
N PRO G 114 -39.02 5.85 -22.21
CA PRO G 114 -39.42 7.22 -22.56
C PRO G 114 -39.46 7.41 -24.08
N MET G 115 -40.66 7.65 -24.60
CA MET G 115 -40.88 7.66 -26.05
C MET G 115 -41.86 8.76 -26.45
N VAL G 116 -41.62 9.36 -27.62
CA VAL G 116 -42.50 10.39 -28.15
C VAL G 116 -42.73 10.20 -29.65
N LEU G 117 -43.99 10.08 -30.04
CA LEU G 117 -44.35 9.94 -31.45
C LEU G 117 -44.32 11.30 -32.15
N VAL G 118 -43.63 11.37 -33.28
CA VAL G 118 -43.43 12.64 -33.97
C VAL G 118 -43.98 12.60 -35.40
N GLY G 119 -44.76 13.62 -35.75
CA GLY G 119 -45.26 13.78 -37.11
C GLY G 119 -44.54 14.90 -37.82
N ASN G 120 -43.62 14.53 -38.71
CA ASN G 120 -42.77 15.51 -39.38
C ASN G 120 -43.37 15.99 -40.71
N LYS G 121 -42.81 17.08 -41.24
CA LYS G 121 -43.20 17.64 -42.53
C LYS G 121 -44.65 18.12 -42.55
N CYS G 122 -45.04 18.86 -41.51
CA CYS G 122 -46.41 19.36 -41.41
C CYS G 122 -46.64 20.54 -42.34
N ASP G 123 -45.55 21.07 -42.89
CA ASP G 123 -45.62 22.20 -43.80
C ASP G 123 -46.04 21.78 -45.20
N LEU G 124 -45.98 20.48 -45.47
CA LEU G 124 -46.32 19.94 -46.79
C LEU G 124 -47.80 20.13 -47.12
N PRO G 125 -48.09 20.51 -48.36
CA PRO G 125 -49.46 20.82 -48.83
C PRO G 125 -50.42 19.64 -48.73
N SER G 126 -49.96 18.44 -49.04
CA SER G 126 -50.81 17.26 -49.01
C SER G 126 -50.30 16.22 -48.02
N ARG G 127 -51.21 15.70 -47.20
CA ARG G 127 -50.87 14.65 -46.26
C ARG G 127 -51.75 13.42 -46.47
N THR G 128 -51.17 12.24 -46.28
CA THR G 128 -51.91 10.99 -46.42
C THR G 128 -52.24 10.40 -45.06
N VAL G 129 -51.68 10.99 -44.01
CA VAL G 129 -51.93 10.54 -42.64
C VAL G 129 -52.59 11.66 -41.84
N ASP G 130 -53.75 11.37 -41.27
CA ASP G 130 -54.46 12.35 -40.45
C ASP G 130 -53.97 12.32 -39.01
N THR G 131 -54.16 13.42 -38.29
CA THR G 131 -53.72 13.52 -36.90
C THR G 131 -54.49 12.53 -36.02
N LYS G 132 -55.74 12.28 -36.39
CA LYS G 132 -56.61 11.39 -35.65
C LYS G 132 -56.01 9.99 -35.47
N GLN G 133 -55.48 9.43 -36.56
CA GLN G 133 -54.90 8.11 -36.54
C GLN G 133 -53.58 8.08 -35.76
N ALA G 134 -52.87 9.20 -35.77
CA ALA G 134 -51.59 9.29 -35.06
C ALA G 134 -51.81 9.48 -33.56
N GLN G 135 -52.87 10.20 -33.21
CA GLN G 135 -53.24 10.42 -31.81
C GLN G 135 -53.67 9.11 -31.16
N ASP G 136 -54.46 8.32 -31.88
CA ASP G 136 -54.95 7.05 -31.37
C ASP G 136 -53.81 6.06 -31.12
N LEU G 137 -52.83 6.04 -32.02
CA LEU G 137 -51.70 5.15 -31.89
C LEU G 137 -50.80 5.55 -30.72
N ALA G 138 -50.59 6.85 -30.56
CA ALA G 138 -49.76 7.37 -29.48
C ALA G 138 -50.45 7.19 -28.13
N ARG G 139 -51.78 7.32 -28.13
CA ARG G 139 -52.56 7.12 -26.92
C ARG G 139 -52.58 5.66 -26.52
N SER G 140 -52.49 4.79 -27.52
CA SER G 140 -52.45 3.34 -27.27
C SER G 140 -51.08 2.93 -26.75
N TYR G 141 -50.07 3.72 -27.07
CA TYR G 141 -48.71 3.47 -26.59
C TYR G 141 -48.46 4.19 -25.26
N GLY G 142 -49.35 5.12 -24.93
CA GLY G 142 -49.22 5.90 -23.71
C GLY G 142 -48.13 6.94 -23.82
N ILE G 143 -47.86 7.39 -25.05
CA ILE G 143 -46.82 8.36 -25.31
C ILE G 143 -47.38 9.64 -25.93
N PRO G 144 -46.73 10.78 -25.65
CA PRO G 144 -47.14 12.06 -26.26
C PRO G 144 -46.93 12.10 -27.76
N PHE G 145 -47.80 12.81 -28.47
CA PHE G 145 -47.67 12.97 -29.92
C PHE G 145 -47.51 14.44 -30.29
N ILE G 146 -46.50 14.73 -31.10
CA ILE G 146 -46.21 16.11 -31.50
C ILE G 146 -45.97 16.21 -33.01
N GLU G 147 -46.72 17.09 -33.66
CA GLU G 147 -46.55 17.35 -35.08
C GLU G 147 -45.42 18.36 -35.29
N THR G 148 -44.49 18.04 -36.19
CA THR G 148 -43.32 18.90 -36.39
C THR G 148 -43.10 19.27 -37.85
N SER G 149 -42.36 20.36 -38.06
CA SER G 149 -41.91 20.75 -39.39
C SER G 149 -40.44 21.16 -39.33
N ALA G 150 -39.59 20.37 -39.97
CA ALA G 150 -38.14 20.64 -39.96
C ALA G 150 -37.81 21.85 -40.83
N LYS G 151 -38.71 22.20 -41.74
CA LYS G 151 -38.50 23.33 -42.63
C LYS G 151 -38.78 24.64 -41.93
N THR G 152 -39.95 24.74 -41.32
CA THR G 152 -40.37 26.00 -40.69
C THR G 152 -40.04 26.04 -39.19
N ARG G 153 -39.37 24.98 -38.71
CA ARG G 153 -38.94 24.89 -37.32
C ARG G 153 -40.13 24.98 -36.36
N GLN G 154 -41.22 24.33 -36.71
CA GLN G 154 -42.41 24.31 -35.85
C GLN G 154 -42.51 23.00 -35.07
N GLY G 155 -42.57 23.09 -33.75
CA GLY G 155 -42.72 21.94 -32.89
C GLY G 155 -41.44 21.14 -32.71
N VAL G 156 -40.34 21.65 -33.27
CA VAL G 156 -39.05 20.98 -33.19
C VAL G 156 -38.51 20.95 -31.77
N ASP G 157 -38.47 22.12 -31.14
CA ASP G 157 -38.01 22.24 -29.76
C ASP G 157 -38.92 21.44 -28.82
N ASP G 158 -40.23 21.59 -29.02
CA ASP G 158 -41.21 20.91 -28.18
C ASP G 158 -41.10 19.39 -28.27
N ALA G 159 -40.65 18.90 -29.42
CA ALA G 159 -40.53 17.47 -29.65
C ALA G 159 -39.46 16.84 -28.76
N PHE G 160 -38.27 17.44 -28.75
CA PHE G 160 -37.17 16.92 -27.96
C PHE G 160 -37.34 17.24 -26.48
N TYR G 161 -37.93 18.39 -26.19
CA TYR G 161 -38.11 18.82 -24.81
C TYR G 161 -39.10 17.94 -24.06
N THR G 162 -40.13 17.48 -24.77
CA THR G 162 -41.13 16.60 -24.18
C THR G 162 -40.54 15.25 -23.84
N LEU G 163 -39.67 14.76 -24.73
CA LEU G 163 -38.99 13.48 -24.51
C LEU G 163 -38.12 13.53 -23.26
N VAL G 164 -37.45 14.66 -23.05
CA VAL G 164 -36.64 14.88 -21.87
C VAL G 164 -37.51 14.88 -20.62
N ARG G 165 -38.70 15.45 -20.74
CA ARG G 165 -39.66 15.49 -19.63
C ARG G 165 -40.10 14.09 -19.23
N GLU G 166 -40.31 13.23 -20.23
CA GLU G 166 -40.71 11.84 -19.99
C GLU G 166 -39.63 11.09 -19.24
N ILE G 167 -38.38 11.38 -19.57
CA ILE G 167 -37.24 10.78 -18.87
C ILE G 167 -37.22 11.21 -17.41
N ARG G 168 -37.53 12.48 -17.17
CA ARG G 168 -37.54 13.02 -15.81
C ARG G 168 -38.68 12.46 -14.98
N LYS G 169 -39.84 12.26 -15.61
CA LYS G 169 -41.04 11.77 -14.91
C LYS G 169 -40.81 10.39 -14.31
N HIS G 170 -40.26 9.48 -15.11
CA HIS G 170 -40.00 8.13 -14.64
C HIS G 170 -38.53 7.77 -14.78
N ARG H 7 -15.19 9.95 -40.78
CA ARG H 7 -14.67 9.70 -39.45
C ARG H 7 -14.23 10.99 -38.77
N PRO H 8 -14.75 11.26 -37.55
CA PRO H 8 -14.42 12.47 -36.80
C PRO H 8 -12.98 12.47 -36.30
N ARG H 9 -12.33 13.62 -36.37
CA ARG H 9 -10.94 13.76 -35.90
C ARG H 9 -10.85 13.63 -34.38
N CYS H 10 -9.73 13.09 -33.92
CA CYS H 10 -9.50 12.90 -32.49
C CYS H 10 -9.48 14.23 -31.73
N PRO H 11 -10.04 14.24 -30.52
CA PRO H 11 -10.13 15.45 -29.70
C PRO H 11 -8.77 15.99 -29.28
N GLY H 12 -7.82 15.11 -29.00
CA GLY H 12 -6.48 15.52 -28.59
C GLY H 12 -6.25 15.38 -27.10
N ASP H 13 -5.00 15.53 -26.69
CA ASP H 13 -4.64 15.39 -25.29
C ASP H 13 -5.02 16.62 -24.48
N ASP H 14 -5.00 17.78 -25.13
CA ASP H 14 -5.34 19.04 -24.46
C ASP H 14 -6.85 19.25 -24.39
N ALA H 15 -7.60 18.32 -24.98
CA ALA H 15 -9.06 18.42 -25.03
C ALA H 15 -9.67 18.31 -23.63
N SER H 16 -10.62 19.19 -23.35
CA SER H 16 -11.31 19.18 -22.06
C SER H 16 -12.43 18.14 -22.07
N ILE H 17 -13.15 18.06 -20.95
CA ILE H 17 -14.25 17.11 -20.82
C ILE H 17 -15.37 17.43 -21.81
N GLU H 18 -15.64 18.72 -22.01
CA GLU H 18 -16.64 19.16 -22.97
C GLU H 18 -16.23 18.79 -24.39
N ASP H 19 -14.94 18.91 -24.68
CA ASP H 19 -14.41 18.54 -25.98
C ASP H 19 -14.50 17.03 -26.22
N LEU H 20 -14.39 16.27 -25.14
CA LEU H 20 -14.53 14.82 -25.20
C LEU H 20 -15.99 14.43 -25.37
N HIS H 21 -16.89 15.22 -24.78
CA HIS H 21 -18.33 15.00 -24.90
C HIS H 21 -18.79 15.24 -26.34
N GLU H 22 -18.29 16.31 -26.94
CA GLU H 22 -18.64 16.66 -28.31
C GLU H 22 -18.20 15.57 -29.29
N TYR H 23 -16.98 15.07 -29.09
CA TYR H 23 -16.43 14.04 -29.96
C TYR H 23 -17.19 12.72 -29.82
N TRP H 24 -17.55 12.37 -28.60
CA TRP H 24 -18.25 11.13 -28.32
C TRP H 24 -19.58 11.05 -29.08
N ALA H 25 -20.31 12.16 -29.09
CA ALA H 25 -21.58 12.23 -29.80
C ALA H 25 -21.38 12.05 -31.30
N ARG H 26 -20.27 12.57 -31.81
CA ARG H 26 -19.93 12.46 -33.22
C ARG H 26 -19.56 11.02 -33.58
N LEU H 27 -18.78 10.39 -32.70
CA LEU H 27 -18.37 9.01 -32.88
C LEU H 27 -19.57 8.08 -32.75
N TRP H 28 -20.53 8.48 -31.91
CA TRP H 28 -21.75 7.73 -31.69
C TRP H 28 -22.54 7.56 -32.99
N ASN H 29 -22.75 8.68 -33.69
CA ASN H 29 -23.51 8.68 -34.94
C ASN H 29 -22.71 8.08 -36.10
N TYR H 30 -21.39 8.18 -36.02
CA TYR H 30 -20.52 7.62 -37.05
C TYR H 30 -20.51 6.10 -37.01
N LEU H 31 -20.28 5.55 -35.81
CA LEU H 31 -20.20 4.11 -35.62
C LEU H 31 -21.52 3.42 -35.95
N TYR H 32 -22.62 4.14 -35.78
CA TYR H 32 -23.93 3.62 -36.12
C TYR H 32 -24.10 3.60 -37.64
N ARG H 33 -23.58 4.63 -38.30
CA ARG H 33 -23.73 4.78 -39.74
C ARG H 33 -22.90 3.75 -40.52
N VAL H 34 -21.68 3.50 -40.07
CA VAL H 34 -20.77 2.62 -40.79
C VAL H 34 -21.03 1.15 -40.51
N ALA H 35 -21.92 0.87 -39.57
CA ALA H 35 -22.26 -0.50 -39.20
C ALA H 35 -22.95 -1.22 -40.37
N PRO I 5 -9.96 6.41 -12.54
CA PRO I 5 -10.42 6.63 -13.91
C PRO I 5 -9.34 7.26 -14.79
N ARG I 6 -8.92 6.54 -15.82
CA ARG I 6 -7.90 7.06 -16.74
C ARG I 6 -8.52 7.39 -18.09
N ARG I 7 -7.97 8.41 -18.75
CA ARG I 7 -8.47 8.84 -20.05
C ARG I 7 -7.98 7.94 -21.17
N PRO I 8 -8.91 7.34 -21.91
CA PRO I 8 -8.56 6.52 -23.07
C PRO I 8 -7.97 7.40 -24.18
N ARG I 9 -7.07 6.84 -24.98
CA ARG I 9 -6.42 7.60 -26.04
C ARG I 9 -6.98 7.23 -27.40
N CYS I 10 -7.25 8.25 -28.20
CA CYS I 10 -7.84 8.07 -29.53
C CYS I 10 -6.88 7.36 -30.48
N PRO I 11 -7.35 6.25 -31.07
CA PRO I 11 -6.53 5.45 -31.99
C PRO I 11 -6.26 6.18 -33.31
N GLY I 12 -5.28 5.68 -34.06
CA GLY I 12 -4.87 6.33 -35.30
C GLY I 12 -5.74 5.97 -36.50
N ASP I 13 -5.17 6.15 -37.69
CA ASP I 13 -5.90 5.88 -38.93
C ASP I 13 -5.92 4.39 -39.24
N ASP I 14 -4.90 3.67 -38.76
CA ASP I 14 -4.79 2.24 -39.01
C ASP I 14 -5.84 1.45 -38.24
N ALA I 15 -6.42 2.09 -37.23
CA ALA I 15 -7.39 1.44 -36.35
C ALA I 15 -8.66 1.04 -37.10
N SER I 16 -9.20 -0.12 -36.74
CA SER I 16 -10.43 -0.61 -37.35
C SER I 16 -11.65 0.04 -36.70
N ILE I 17 -12.83 -0.33 -37.18
CA ILE I 17 -14.08 0.17 -36.60
C ILE I 17 -14.25 -0.39 -35.18
N GLU I 18 -13.81 -1.63 -34.98
CA GLU I 18 -13.89 -2.25 -33.67
C GLU I 18 -13.03 -1.51 -32.65
N ASP I 19 -11.87 -1.02 -33.10
CA ASP I 19 -10.99 -0.22 -32.25
C ASP I 19 -11.70 1.06 -31.81
N LEU I 20 -12.39 1.69 -32.75
CA LEU I 20 -13.15 2.90 -32.46
C LEU I 20 -14.29 2.60 -31.50
N HIS I 21 -14.90 1.43 -31.66
CA HIS I 21 -15.98 0.99 -30.78
C HIS I 21 -15.46 0.82 -29.35
N GLU I 22 -14.29 0.20 -29.23
CA GLU I 22 -13.65 0.03 -27.94
C GLU I 22 -13.37 1.38 -27.29
N TYR I 23 -12.84 2.32 -28.08
CA TYR I 23 -12.55 3.65 -27.60
C TYR I 23 -13.82 4.40 -27.23
N TRP I 24 -14.85 4.22 -28.05
CA TRP I 24 -16.17 4.79 -27.77
C TRP I 24 -16.73 4.27 -26.45
N ALA I 25 -16.44 3.00 -26.15
CA ALA I 25 -16.92 2.36 -24.93
C ALA I 25 -16.12 2.80 -23.71
N ARG I 26 -14.81 2.98 -23.87
CA ARG I 26 -13.96 3.43 -22.78
C ARG I 26 -14.19 4.90 -22.48
N LEU I 27 -14.41 5.69 -23.55
CA LEU I 27 -14.65 7.11 -23.40
C LEU I 27 -15.96 7.39 -22.70
N TRP I 28 -16.97 6.55 -22.97
CA TRP I 28 -18.26 6.68 -22.30
C TRP I 28 -18.13 6.40 -20.82
N ASN I 29 -17.41 5.33 -20.48
CA ASN I 29 -17.23 4.94 -19.09
C ASN I 29 -16.37 5.95 -18.35
N TYR I 30 -15.43 6.57 -19.06
CA TYR I 30 -14.57 7.59 -18.48
C TYR I 30 -15.37 8.83 -18.11
N LEU I 31 -16.09 9.38 -19.09
CA LEU I 31 -16.88 10.59 -18.90
C LEU I 31 -18.00 10.37 -17.88
N TYR I 32 -18.38 9.11 -17.68
CA TYR I 32 -19.42 8.77 -16.72
C TYR I 32 -18.91 8.85 -15.28
N ARG I 33 -17.70 8.35 -15.05
CA ARG I 33 -17.16 8.25 -13.70
C ARG I 33 -16.46 9.54 -13.27
N VAL I 34 -16.05 10.35 -14.23
CA VAL I 34 -15.38 11.61 -13.93
C VAL I 34 -16.39 12.72 -13.64
N ALA I 35 -17.48 12.73 -14.41
CA ALA I 35 -18.54 13.71 -14.20
C ALA I 35 -19.24 13.48 -12.86
N MET J 5 28.86 -17.21 14.05
CA MET J 5 28.14 -16.31 14.95
C MET J 5 28.85 -14.96 15.07
N THR J 6 28.06 -13.90 15.17
CA THR J 6 28.61 -12.55 15.24
C THR J 6 28.46 -11.94 16.62
N GLU J 7 27.48 -12.42 17.38
CA GLU J 7 27.20 -11.90 18.71
C GLU J 7 27.77 -12.82 19.79
N TYR J 8 28.57 -12.26 20.68
CA TYR J 8 29.18 -13.03 21.77
C TYR J 8 28.87 -12.43 23.13
N LYS J 9 28.31 -13.25 24.01
CA LYS J 9 28.01 -12.82 25.37
C LYS J 9 29.15 -13.22 26.32
N LEU J 10 29.80 -12.22 26.90
CA LEU J 10 30.94 -12.48 27.78
C LEU J 10 30.66 -12.03 29.20
N VAL J 11 31.01 -12.88 30.17
CA VAL J 11 30.79 -12.59 31.58
C VAL J 11 32.11 -12.62 32.35
N VAL J 12 32.39 -11.54 33.08
CA VAL J 12 33.62 -11.46 33.86
C VAL J 12 33.34 -11.77 35.32
N VAL J 13 34.04 -12.77 35.87
CA VAL J 13 33.85 -13.15 37.25
C VAL J 13 35.16 -13.07 38.04
N GLY J 14 35.03 -12.85 39.35
CA GLY J 14 36.20 -12.71 40.21
C GLY J 14 35.85 -12.01 41.51
N ALA J 15 36.78 -12.01 42.44
CA ALA J 15 36.58 -11.38 43.74
C ALA J 15 36.50 -9.87 43.61
N VAL J 16 35.95 -9.21 44.63
CA VAL J 16 35.80 -7.77 44.62
C VAL J 16 37.15 -7.08 44.78
N GLY J 17 37.56 -6.34 43.75
CA GLY J 17 38.79 -5.57 43.81
C GLY J 17 39.90 -6.10 42.92
N VAL J 18 39.64 -7.18 42.19
CA VAL J 18 40.63 -7.77 41.31
C VAL J 18 40.81 -6.94 40.05
N GLY J 19 39.78 -6.16 39.70
CA GLY J 19 39.85 -5.28 38.55
C GLY J 19 38.99 -5.72 37.38
N LYS J 20 37.83 -6.30 37.67
CA LYS J 20 36.91 -6.73 36.62
C LYS J 20 36.35 -5.53 35.87
N SER J 21 35.97 -4.50 36.62
CA SER J 21 35.45 -3.27 36.03
C SER J 21 36.54 -2.55 35.23
N ALA J 22 37.74 -2.53 35.77
CA ALA J 22 38.87 -1.87 35.13
C ALA J 22 39.23 -2.51 33.79
N LEU J 23 39.11 -3.83 33.74
CA LEU J 23 39.38 -4.57 32.51
C LEU J 23 38.30 -4.29 31.45
N THR J 24 37.07 -4.14 31.91
CA THR J 24 35.95 -3.87 31.01
C THR J 24 36.02 -2.46 30.43
N ILE J 25 36.24 -1.48 31.31
CA ILE J 25 36.32 -0.08 30.90
C ILE J 25 37.44 0.14 29.89
N GLN J 26 38.58 -0.50 30.13
CA GLN J 26 39.73 -0.37 29.24
C GLN J 26 39.48 -1.00 27.87
N LEU J 27 38.72 -2.08 27.85
CA LEU J 27 38.37 -2.74 26.59
C LEU J 27 37.46 -1.86 25.74
N ILE J 28 36.51 -1.22 26.41
CA ILE J 28 35.47 -0.44 25.72
C ILE J 28 35.88 1.00 25.46
N GLN J 29 36.36 1.69 26.50
CA GLN J 29 36.60 3.13 26.42
C GLN J 29 38.07 3.50 26.46
N ASN J 30 38.93 2.49 26.66
CA ASN J 30 40.37 2.68 26.71
C ASN J 30 40.82 3.70 27.75
N HIS J 31 40.11 3.75 28.87
CA HIS J 31 40.43 4.68 29.95
C HIS J 31 40.75 3.94 31.23
N PHE J 32 41.38 4.63 32.17
CA PHE J 32 41.71 4.05 33.47
C PHE J 32 41.76 5.12 34.56
N ASP J 42 30.53 4.66 29.00
CA ASP J 42 29.34 4.15 29.67
C ASP J 42 28.67 3.07 28.83
N SER J 43 29.49 2.20 28.23
CA SER J 43 28.99 1.17 27.34
C SER J 43 29.42 -0.23 27.77
N TYR J 44 28.72 -1.25 27.27
CA TYR J 44 29.04 -2.64 27.56
C TYR J 44 29.05 -3.47 26.28
N ARG J 45 29.29 -2.81 25.16
CA ARG J 45 29.23 -3.47 23.86
C ARG J 45 30.31 -2.94 22.92
N LYS J 46 31.00 -3.84 22.22
CA LYS J 46 32.09 -3.45 21.34
C LYS J 46 32.12 -4.27 20.06
N GLN J 47 32.59 -3.65 18.98
CA GLN J 47 32.73 -4.32 17.69
C GLN J 47 34.20 -4.42 17.30
N VAL J 48 34.67 -5.64 17.07
CA VAL J 48 36.07 -5.87 16.74
C VAL J 48 36.26 -6.96 15.68
N VAL J 49 37.46 -7.04 15.12
CA VAL J 49 37.80 -8.08 14.16
C VAL J 49 38.74 -9.10 14.78
N ILE J 50 38.29 -10.35 14.86
CA ILE J 50 39.09 -11.41 15.47
C ILE J 50 39.33 -12.55 14.48
N ASP J 51 40.61 -12.82 14.22
CA ASP J 51 41.03 -13.84 13.27
C ASP J 51 40.40 -13.64 11.89
N GLY J 52 40.29 -12.39 11.48
CA GLY J 52 39.75 -12.05 10.17
C GLY J 52 38.24 -12.05 10.11
N GLU J 53 37.60 -12.18 11.27
CA GLU J 53 36.15 -12.21 11.34
C GLU J 53 35.64 -11.18 12.34
N THR J 54 34.91 -10.18 11.84
CA THR J 54 34.35 -9.15 12.71
C THR J 54 33.21 -9.73 13.54
N CYS J 55 33.02 -9.18 14.74
CA CYS J 55 31.99 -9.67 15.65
C CYS J 55 31.62 -8.65 16.71
N LEU J 56 30.51 -8.92 17.40
CA LEU J 56 30.03 -8.04 18.45
C LEU J 56 30.19 -8.69 19.82
N LEU J 57 30.65 -7.91 20.79
CA LEU J 57 30.90 -8.44 22.13
C LEU J 57 30.07 -7.71 23.19
N ASP J 58 29.24 -8.47 23.90
CA ASP J 58 28.50 -7.94 25.05
C ASP J 58 29.18 -8.38 26.35
N ILE J 59 29.52 -7.41 27.19
CA ILE J 59 30.26 -7.70 28.42
C ILE J 59 29.38 -7.57 29.66
N LEU J 60 29.32 -8.65 30.44
CA LEU J 60 28.62 -8.61 31.72
C LEU J 60 29.62 -8.47 32.86
N ASP J 61 29.79 -7.23 33.33
CA ASP J 61 30.71 -6.95 34.43
C ASP J 61 30.03 -7.18 35.77
N THR J 62 30.23 -8.38 36.32
CA THR J 62 29.63 -8.74 37.61
C THR J 62 30.15 -7.88 38.74
N ALA J 63 29.23 -7.41 39.60
CA ALA J 63 29.60 -6.57 40.72
C ALA J 63 28.75 -6.90 41.94
N GLY J 64 29.31 -6.64 43.12
CA GLY J 64 28.60 -6.88 44.37
C GLY J 64 28.94 -8.23 44.98
N GLN J 65 28.60 -8.39 46.25
CA GLN J 65 28.85 -9.64 46.97
C GLN J 65 28.07 -10.79 46.35
N GLU J 66 28.67 -11.97 46.33
CA GLU J 66 28.02 -13.15 45.79
C GLU J 66 26.82 -13.53 46.65
N GLU J 67 25.72 -13.90 46.00
CA GLU J 67 24.49 -14.26 46.72
C GLU J 67 23.63 -15.22 45.91
N TYR J 68 22.64 -15.81 46.56
CA TYR J 68 21.69 -16.66 45.88
C TYR J 68 20.71 -15.82 45.07
N SER J 69 20.60 -16.12 43.78
CA SER J 69 19.70 -15.39 42.91
C SER J 69 19.37 -16.19 41.66
N ALA J 70 18.10 -16.54 41.51
CA ALA J 70 17.64 -17.29 40.34
C ALA J 70 17.75 -16.43 39.08
N MET J 71 17.57 -15.12 39.24
CA MET J 71 17.64 -14.19 38.12
C MET J 71 19.09 -13.98 37.67
N ARG J 72 20.02 -13.93 38.61
CA ARG J 72 21.44 -13.80 38.29
C ARG J 72 21.94 -15.04 37.57
N ASP J 73 21.42 -16.20 37.95
CA ASP J 73 21.79 -17.46 37.30
C ASP J 73 21.42 -17.43 35.83
N GLN J 74 20.26 -16.83 35.53
CA GLN J 74 19.81 -16.68 34.15
C GLN J 74 20.68 -15.67 33.41
N TYR J 75 21.17 -14.66 34.14
CA TYR J 75 22.01 -13.63 33.55
C TYR J 75 23.37 -14.21 33.16
N MET J 76 23.87 -15.14 33.97
CA MET J 76 25.15 -15.77 33.70
C MET J 76 24.99 -16.94 32.73
N ARG J 77 23.79 -17.52 32.71
CA ARG J 77 23.47 -18.60 31.77
C ARG J 77 23.47 -18.08 30.35
N THR J 78 23.14 -16.79 30.20
CA THR J 78 23.18 -16.13 28.91
C THR J 78 24.62 -16.03 28.41
N GLY J 79 25.55 -15.89 29.35
CA GLY J 79 26.96 -15.78 29.02
C GLY J 79 27.52 -17.02 28.35
N GLU J 80 28.16 -16.81 27.20
CA GLU J 80 28.76 -17.92 26.45
C GLU J 80 30.21 -18.13 26.86
N GLY J 81 30.90 -17.02 27.18
CA GLY J 81 32.27 -17.08 27.63
C GLY J 81 32.42 -16.46 29.00
N PHE J 82 33.42 -16.91 29.75
CA PHE J 82 33.60 -16.45 31.13
C PHE J 82 35.06 -16.14 31.45
N LEU J 83 35.27 -14.98 32.07
CA LEU J 83 36.62 -14.58 32.50
C LEU J 83 36.76 -14.65 34.00
N CYS J 84 37.56 -15.61 34.48
CA CYS J 84 37.87 -15.71 35.90
C CYS J 84 39.09 -14.86 36.22
N VAL J 85 38.86 -13.72 36.87
CA VAL J 85 39.92 -12.76 37.11
C VAL J 85 40.39 -12.74 38.56
N PHE J 86 41.70 -12.83 38.75
CA PHE J 86 42.30 -12.67 40.06
C PHE J 86 43.46 -11.66 39.99
N ALA J 87 43.88 -11.17 41.13
CA ALA J 87 45.02 -10.25 41.19
C ALA J 87 46.25 -10.98 41.68
N ILE J 88 47.42 -10.59 41.16
CA ILE J 88 48.66 -11.27 41.50
C ILE J 88 49.16 -10.89 42.89
N ASN J 89 48.60 -9.82 43.45
CA ASN J 89 49.01 -9.37 44.78
C ASN J 89 48.12 -9.95 45.87
N ASN J 90 47.00 -10.54 45.47
CA ASN J 90 46.07 -11.15 46.41
C ASN J 90 45.96 -12.65 46.22
N THR J 91 46.31 -13.40 47.26
CA THR J 91 46.29 -14.86 47.22
C THR J 91 44.86 -15.38 47.33
N LYS J 92 44.05 -14.70 48.13
CA LYS J 92 42.66 -15.11 48.37
C LYS J 92 41.85 -15.20 47.09
N SER J 93 42.01 -14.21 46.22
CA SER J 93 41.28 -14.18 44.94
C SER J 93 41.68 -15.35 44.04
N PHE J 94 42.93 -15.78 44.17
CA PHE J 94 43.43 -16.90 43.38
C PHE J 94 42.88 -18.22 43.90
N GLU J 95 42.55 -18.26 45.18
CA GLU J 95 42.00 -19.46 45.80
C GLU J 95 40.48 -19.51 45.64
N ASP J 96 39.89 -18.36 45.33
CA ASP J 96 38.45 -18.27 45.11
C ASP J 96 38.10 -18.61 43.65
N ILE J 97 39.13 -18.77 42.83
CA ILE J 97 38.96 -19.12 41.43
C ILE J 97 38.21 -20.43 41.27
N HIS J 98 38.54 -21.40 42.13
CA HIS J 98 37.90 -22.70 42.13
C HIS J 98 36.41 -22.59 42.41
N HIS J 99 36.05 -21.65 43.29
CA HIS J 99 34.66 -21.42 43.65
C HIS J 99 33.86 -20.85 42.48
N TYR J 100 34.46 -19.90 41.77
CA TYR J 100 33.79 -19.23 40.66
C TYR J 100 33.57 -20.15 39.47
N ARG J 101 34.55 -21.00 39.17
CA ARG J 101 34.44 -21.93 38.07
C ARG J 101 33.34 -22.96 38.31
N GLU J 102 33.21 -23.40 39.57
CA GLU J 102 32.19 -24.37 39.93
C GLU J 102 30.79 -23.78 39.84
N GLN J 103 30.66 -22.48 40.09
CA GLN J 103 29.38 -21.81 39.98
C GLN J 103 28.96 -21.70 38.52
N ILE J 104 29.95 -21.55 37.64
CA ILE J 104 29.70 -21.51 36.22
C ILE J 104 29.26 -22.89 35.71
N LYS J 105 29.87 -23.93 36.26
CA LYS J 105 29.53 -25.30 35.91
C LYS J 105 28.09 -25.64 36.29
N ARG J 106 27.64 -25.11 37.42
CA ARG J 106 26.27 -25.34 37.87
C ARG J 106 25.28 -24.60 36.97
N VAL J 107 25.62 -23.36 36.63
CA VAL J 107 24.75 -22.52 35.83
C VAL J 107 24.67 -22.98 34.38
N LYS J 108 25.82 -23.29 33.78
CA LYS J 108 25.88 -23.73 32.40
C LYS J 108 25.51 -25.20 32.25
N ASP J 109 25.45 -25.90 33.39
CA ASP J 109 25.07 -27.32 33.44
C ASP J 109 25.99 -28.17 32.56
N SER J 110 27.27 -27.83 32.53
CA SER J 110 28.25 -28.55 31.72
C SER J 110 29.67 -28.29 32.20
N GLU J 111 30.56 -29.25 31.96
CA GLU J 111 31.96 -29.12 32.35
C GLU J 111 32.77 -28.43 31.26
N ASP J 112 32.37 -28.62 30.01
CA ASP J 112 33.07 -28.02 28.88
C ASP J 112 32.51 -26.64 28.57
N VAL J 113 33.01 -25.62 29.27
CA VAL J 113 32.57 -24.26 29.08
C VAL J 113 33.74 -23.34 28.78
N PRO J 114 33.65 -22.55 27.69
CA PRO J 114 34.68 -21.57 27.31
C PRO J 114 35.06 -20.64 28.45
N MET J 115 36.33 -20.67 28.85
CA MET J 115 36.79 -19.92 30.01
C MET J 115 38.27 -19.58 29.91
N VAL J 116 38.64 -18.42 30.43
CA VAL J 116 40.04 -17.98 30.44
C VAL J 116 40.43 -17.47 31.83
N LEU J 117 41.57 -17.95 32.33
CA LEU J 117 42.09 -17.50 33.61
C LEU J 117 42.91 -16.21 33.44
N VAL J 118 42.51 -15.16 34.13
CA VAL J 118 43.14 -13.85 33.98
C VAL J 118 43.85 -13.38 35.25
N GLY J 119 45.13 -13.04 35.12
CA GLY J 119 45.89 -12.50 36.23
C GLY J 119 46.12 -11.01 36.07
N ASN J 120 45.26 -10.23 36.72
CA ASN J 120 45.31 -8.77 36.59
C ASN J 120 46.36 -8.14 37.49
N LYS J 121 46.63 -6.85 37.26
CA LYS J 121 47.58 -6.07 38.05
C LYS J 121 48.98 -6.64 38.00
N CYS J 122 49.43 -7.02 36.81
CA CYS J 122 50.77 -7.59 36.63
C CYS J 122 51.83 -6.49 36.59
N ASP J 123 51.38 -5.26 36.43
CA ASP J 123 52.29 -4.10 36.40
C ASP J 123 52.86 -3.83 37.78
N LEU J 124 52.16 -4.28 38.82
CA LEU J 124 52.61 -4.10 40.19
C LEU J 124 53.79 -5.00 40.50
N PRO J 125 54.80 -4.46 41.21
CA PRO J 125 56.01 -5.22 41.57
C PRO J 125 55.70 -6.32 42.58
N SER J 126 54.69 -6.11 43.42
CA SER J 126 54.30 -7.10 44.42
C SER J 126 53.54 -8.26 43.78
N ARG J 127 54.04 -9.47 44.00
CA ARG J 127 53.39 -10.67 43.48
C ARG J 127 53.33 -11.75 44.56
N THR J 128 52.14 -12.31 44.74
CA THR J 128 51.95 -13.39 45.71
C THR J 128 51.65 -14.70 45.00
N VAL J 129 51.28 -14.60 43.72
CA VAL J 129 50.99 -15.78 42.92
C VAL J 129 51.93 -15.83 41.72
N ASP J 130 52.89 -16.75 41.77
CA ASP J 130 53.87 -16.91 40.69
C ASP J 130 53.22 -17.35 39.40
N THR J 131 53.90 -17.11 38.29
CA THR J 131 53.36 -17.42 36.96
C THR J 131 53.17 -18.92 36.76
N LYS J 132 54.06 -19.72 37.34
CA LYS J 132 53.99 -21.17 37.19
C LYS J 132 52.76 -21.76 37.87
N GLN J 133 52.47 -21.29 39.09
CA GLN J 133 51.33 -21.81 39.86
C GLN J 133 50.00 -21.47 39.19
N ALA J 134 49.96 -20.35 38.49
CA ALA J 134 48.75 -19.92 37.80
C ALA J 134 48.55 -20.71 36.52
N GLN J 135 49.64 -21.10 35.89
CA GLN J 135 49.58 -21.89 34.66
C GLN J 135 49.30 -23.36 34.96
N ASP J 136 49.51 -23.75 36.21
CA ASP J 136 49.22 -25.11 36.65
C ASP J 136 47.73 -25.28 36.92
N LEU J 137 47.11 -24.24 37.46
CA LEU J 137 45.67 -24.26 37.73
C LEU J 137 44.87 -24.23 36.43
N ALA J 138 45.31 -23.40 35.50
CA ALA J 138 44.64 -23.26 34.21
C ALA J 138 44.78 -24.53 33.38
N ARG J 139 45.87 -25.25 33.58
CA ARG J 139 46.13 -26.48 32.86
C ARG J 139 45.25 -27.62 33.36
N SER J 140 44.91 -27.58 34.65
CA SER J 140 44.04 -28.59 35.23
C SER J 140 42.60 -28.41 34.77
N TYR J 141 42.29 -27.22 34.25
CA TYR J 141 40.96 -26.91 33.76
C TYR J 141 40.89 -27.02 32.24
N GLY J 142 42.05 -27.10 31.60
CA GLY J 142 42.12 -27.15 30.15
C GLY J 142 41.84 -25.79 29.54
N ILE J 143 42.03 -24.75 30.33
CA ILE J 143 41.77 -23.38 29.89
C ILE J 143 43.08 -22.59 29.79
N PRO J 144 43.13 -21.62 28.87
CA PRO J 144 44.33 -20.79 28.72
C PRO J 144 44.50 -19.80 29.87
N PHE J 145 45.72 -19.31 30.05
CA PHE J 145 46.00 -18.33 31.10
C PHE J 145 46.69 -17.09 30.53
N ILE J 146 46.18 -15.92 30.88
CA ILE J 146 46.74 -14.66 30.39
C ILE J 146 46.88 -13.64 31.52
N GLU J 147 48.10 -13.12 31.69
CA GLU J 147 48.34 -12.03 32.62
C GLU J 147 48.00 -10.69 31.97
N THR J 148 47.20 -9.90 32.68
CA THR J 148 46.76 -8.61 32.13
C THR J 148 47.03 -7.46 33.09
N SER J 149 46.85 -6.24 32.60
CA SER J 149 46.97 -5.05 33.41
C SER J 149 46.12 -3.93 32.80
N ALA J 150 45.07 -3.53 33.51
CA ALA J 150 44.17 -2.50 33.02
C ALA J 150 44.84 -1.13 33.00
N LYS J 151 45.81 -0.93 33.90
CA LYS J 151 46.50 0.34 34.01
C LYS J 151 47.39 0.61 32.81
N THR J 152 48.14 -0.41 32.37
CA THR J 152 49.07 -0.25 31.27
C THR J 152 48.49 -0.72 29.95
N ARG J 153 47.22 -1.10 29.97
CA ARG J 153 46.49 -1.55 28.78
C ARG J 153 47.17 -2.75 28.12
N GLN J 154 47.84 -3.57 28.91
CA GLN J 154 48.56 -4.73 28.38
C GLN J 154 47.86 -6.04 28.71
N GLY J 155 47.61 -6.83 27.66
CA GLY J 155 46.97 -8.12 27.82
C GLY J 155 45.46 -8.04 27.90
N VAL J 156 44.94 -6.82 27.99
CA VAL J 156 43.51 -6.59 28.14
C VAL J 156 42.72 -7.14 26.97
N ASP J 157 43.07 -6.71 25.76
CA ASP J 157 42.39 -7.17 24.55
C ASP J 157 42.59 -8.67 24.33
N ASP J 158 43.79 -9.15 24.60
CA ASP J 158 44.14 -10.56 24.36
C ASP J 158 43.32 -11.49 25.25
N ALA J 159 43.03 -11.06 26.47
CA ALA J 159 42.27 -11.87 27.41
C ALA J 159 40.83 -12.07 26.93
N PHE J 160 40.21 -10.99 26.45
CA PHE J 160 38.83 -11.03 25.98
C PHE J 160 38.71 -11.75 24.65
N TYR J 161 39.68 -11.57 23.77
CA TYR J 161 39.60 -12.11 22.41
C TYR J 161 39.96 -13.59 22.37
N THR J 162 40.81 -14.03 23.29
CA THR J 162 41.13 -15.44 23.40
C THR J 162 39.91 -16.22 23.86
N LEU J 163 39.08 -15.56 24.66
CA LEU J 163 37.83 -16.16 25.12
C LEU J 163 36.88 -16.37 23.94
N VAL J 164 36.89 -15.42 23.01
CA VAL J 164 36.09 -15.52 21.79
C VAL J 164 36.61 -16.68 20.93
N ARG J 165 37.90 -16.92 20.98
CA ARG J 165 38.50 -18.05 20.27
C ARG J 165 38.01 -19.37 20.86
N GLU J 166 37.90 -19.42 22.18
CA GLU J 166 37.44 -20.62 22.88
C GLU J 166 35.98 -20.91 22.57
N ILE J 167 35.19 -19.86 22.42
CA ILE J 167 33.77 -20.00 22.08
C ILE J 167 33.61 -20.57 20.67
N ARG J 168 34.37 -20.02 19.73
CA ARG J 168 34.34 -20.48 18.34
C ARG J 168 34.89 -21.89 18.21
N LYS J 169 35.81 -22.25 19.10
CA LYS J 169 36.47 -23.55 19.04
C LYS J 169 35.51 -24.68 19.39
N HIS J 170 34.51 -24.37 20.21
CA HIS J 170 33.47 -25.33 20.56
C HIS J 170 32.11 -24.66 20.64
N ARG K 7 19.13 3.24 36.88
CA ARG K 7 18.35 2.55 35.86
C ARG K 7 18.49 3.21 34.50
N PRO K 8 18.84 2.42 33.47
CA PRO K 8 19.01 2.92 32.10
C PRO K 8 17.69 3.33 31.46
N ARG K 9 17.72 4.44 30.72
CA ARG K 9 16.52 4.93 30.03
C ARG K 9 16.08 3.98 28.92
N CYS K 10 14.77 3.94 28.69
CA CYS K 10 14.23 3.12 27.61
C CYS K 10 14.67 3.67 26.26
N PRO K 11 15.01 2.76 25.32
CA PRO K 11 15.49 3.16 23.99
C PRO K 11 14.43 3.89 23.18
N GLY K 12 13.20 3.39 23.19
CA GLY K 12 12.10 4.02 22.46
C GLY K 12 11.77 3.30 21.18
N ASP K 13 10.70 3.75 20.52
CA ASP K 13 10.25 3.15 19.27
C ASP K 13 11.17 3.53 18.11
N ASP K 14 11.74 4.71 18.18
CA ASP K 14 12.61 5.23 17.12
C ASP K 14 13.99 4.59 17.15
N ALA K 15 14.28 3.85 18.22
CA ALA K 15 15.59 3.23 18.40
C ALA K 15 15.83 2.10 17.39
N SER K 16 17.06 1.97 16.94
CA SER K 16 17.43 0.94 15.98
C SER K 16 17.78 -0.37 16.68
N ILE K 17 18.03 -1.42 15.89
CA ILE K 17 18.39 -2.72 16.42
C ILE K 17 19.70 -2.64 17.21
N GLU K 18 20.65 -1.88 16.68
CA GLU K 18 21.93 -1.68 17.35
C GLU K 18 21.74 -0.97 18.69
N ASP K 19 20.83 0.00 18.73
CA ASP K 19 20.52 0.72 19.95
C ASP K 19 19.87 -0.21 20.98
N LEU K 20 19.08 -1.16 20.49
CA LEU K 20 18.45 -2.15 21.36
C LEU K 20 19.52 -3.06 21.97
N HIS K 21 20.55 -3.37 21.19
CA HIS K 21 21.66 -4.18 21.67
C HIS K 21 22.46 -3.45 22.74
N GLU K 22 22.77 -2.19 22.47
CA GLU K 22 23.56 -1.38 23.40
C GLU K 22 22.82 -1.17 24.72
N TYR K 23 21.50 -1.01 24.64
CA TYR K 23 20.67 -0.86 25.83
C TYR K 23 20.57 -2.19 26.59
N TRP K 24 20.40 -3.28 25.85
CA TRP K 24 20.26 -4.61 26.43
C TRP K 24 21.50 -4.97 27.25
N ALA K 25 22.66 -4.58 26.75
CA ALA K 25 23.92 -4.86 27.42
C ALA K 25 24.02 -4.08 28.74
N ARG K 26 23.54 -2.86 28.73
CA ARG K 26 23.54 -2.02 29.93
C ARG K 26 22.47 -2.47 30.90
N LEU K 27 21.35 -2.95 30.37
CA LEU K 27 20.27 -3.50 31.19
C LEU K 27 20.72 -4.82 31.81
N TRP K 28 21.56 -5.55 31.08
CA TRP K 28 22.10 -6.83 31.51
C TRP K 28 22.93 -6.66 32.79
N ASN K 29 23.73 -5.59 32.84
CA ASN K 29 24.59 -5.33 33.98
C ASN K 29 23.84 -4.70 35.15
N TYR K 30 22.79 -3.94 34.85
CA TYR K 30 22.00 -3.29 35.88
C TYR K 30 21.19 -4.30 36.69
N LEU K 31 20.58 -5.25 35.98
CA LEU K 31 19.74 -6.26 36.61
C LEU K 31 20.54 -7.21 37.49
N TYR K 32 21.83 -7.34 37.20
CA TYR K 32 22.70 -8.22 37.98
C TYR K 32 23.09 -7.55 39.30
N ARG K 33 23.21 -6.23 39.29
CA ARG K 33 23.66 -5.49 40.46
C ARG K 33 22.52 -5.23 41.46
N VAL K 34 21.30 -5.17 40.96
CA VAL K 34 20.15 -4.85 41.81
C VAL K 34 19.55 -6.10 42.46
N ALA K 35 20.02 -7.27 42.04
CA ALA K 35 19.51 -8.53 42.56
C ALA K 35 19.86 -8.71 44.03
N PRO L 5 8.79 -11.66 14.46
CA PRO L 5 8.60 -11.50 15.91
C PRO L 5 8.26 -10.07 16.30
N ARG L 6 7.63 -9.91 17.46
CA ARG L 6 7.22 -8.60 17.95
C ARG L 6 8.31 -7.94 18.79
N ARG L 7 8.58 -6.67 18.53
CA ARG L 7 9.49 -5.89 19.37
C ARG L 7 8.79 -5.49 20.66
N PRO L 8 9.30 -5.97 21.80
CA PRO L 8 8.70 -5.67 23.10
C PRO L 8 8.81 -4.18 23.45
N ARG L 9 7.88 -3.69 24.26
CA ARG L 9 7.92 -2.31 24.71
C ARG L 9 8.58 -2.20 26.09
N CYS L 10 9.40 -1.17 26.24
CA CYS L 10 10.12 -0.94 27.50
C CYS L 10 9.15 -0.48 28.57
N PRO L 11 9.25 -1.09 29.77
CA PRO L 11 8.43 -0.74 30.92
C PRO L 11 8.72 0.67 31.45
N GLY L 12 7.75 1.29 32.12
CA GLY L 12 7.93 2.62 32.69
C GLY L 12 8.85 2.59 33.90
N ASP L 13 9.16 3.78 34.41
CA ASP L 13 10.04 3.90 35.56
C ASP L 13 9.37 3.35 36.82
N ASP L 14 8.05 3.37 36.84
CA ASP L 14 7.27 2.88 37.97
C ASP L 14 7.24 1.35 38.03
N ALA L 15 7.63 0.71 36.93
CA ALA L 15 7.61 -0.74 36.86
C ALA L 15 8.62 -1.37 37.80
N SER L 16 8.38 -2.62 38.19
CA SER L 16 9.25 -3.33 39.11
C SER L 16 10.50 -3.85 38.39
N ILE L 17 11.34 -4.57 39.14
CA ILE L 17 12.53 -5.16 38.56
C ILE L 17 12.15 -6.39 37.72
N GLU L 18 11.12 -7.10 38.16
CA GLU L 18 10.63 -8.25 37.42
C GLU L 18 10.13 -7.83 36.04
N ASP L 19 9.56 -6.63 35.96
CA ASP L 19 9.12 -6.08 34.68
C ASP L 19 10.30 -5.84 33.76
N LEU L 20 11.39 -5.32 34.33
CA LEU L 20 12.60 -5.06 33.57
C LEU L 20 13.25 -6.37 33.14
N HIS L 21 13.14 -7.39 34.00
CA HIS L 21 13.66 -8.71 33.69
C HIS L 21 12.87 -9.34 32.55
N GLU L 22 11.55 -9.17 32.59
CA GLU L 22 10.68 -9.66 31.52
C GLU L 22 11.05 -9.02 30.19
N TYR L 23 11.24 -7.70 30.20
CA TYR L 23 11.63 -6.97 29.00
C TYR L 23 13.02 -7.40 28.52
N TRP L 24 13.92 -7.61 29.46
CA TRP L 24 15.27 -8.07 29.14
C TRP L 24 15.23 -9.44 28.48
N ALA L 25 14.30 -10.28 28.90
CA ALA L 25 14.15 -11.63 28.36
C ALA L 25 13.47 -11.61 26.99
N ARG L 26 12.46 -10.76 26.84
CA ARG L 26 11.75 -10.63 25.57
C ARG L 26 12.65 -9.99 24.52
N LEU L 27 13.42 -8.99 24.93
CA LEU L 27 14.33 -8.30 24.02
C LEU L 27 15.41 -9.24 23.51
N TRP L 28 15.89 -10.12 24.40
CA TRP L 28 16.88 -11.12 24.02
C TRP L 28 16.32 -12.02 22.92
N ASN L 29 15.10 -12.49 23.13
CA ASN L 29 14.41 -13.32 22.14
C ASN L 29 14.23 -12.58 20.83
N TYR L 30 13.82 -11.32 20.91
CA TYR L 30 13.61 -10.50 19.73
C TYR L 30 14.91 -10.25 18.98
N LEU L 31 15.95 -9.84 19.71
CA LEU L 31 17.25 -9.56 19.10
C LEU L 31 17.90 -10.83 18.57
N TYR L 32 17.49 -11.98 19.11
CA TYR L 32 17.99 -13.27 18.63
C TYR L 32 17.28 -13.69 17.35
N ARG L 33 15.96 -13.62 17.36
CA ARG L 33 15.14 -14.01 16.21
C ARG L 33 15.41 -13.11 15.00
N VAL L 34 15.60 -11.83 15.25
CA VAL L 34 15.75 -10.85 14.17
C VAL L 34 17.12 -10.97 13.50
N ALA L 35 18.09 -11.55 14.21
CA ALA L 35 19.44 -11.69 13.69
C ALA L 35 19.52 -12.82 12.66
PB GDP M . 16.61 14.20 -8.08
O1B GDP M . 17.30 14.84 -9.25
O2B GDP M . 16.16 12.82 -8.49
O3B GDP M . 17.54 14.11 -6.89
O3A GDP M . 15.31 15.08 -7.70
PA GDP M . 15.26 15.91 -6.32
O1A GDP M . 16.39 16.90 -6.25
O2A GDP M . 15.27 15.00 -5.12
O5' GDP M . 13.84 16.68 -6.43
C5' GDP M . 13.82 18.10 -6.57
C4' GDP M . 12.51 18.65 -6.02
O4' GDP M . 11.46 17.69 -6.19
C3' GDP M . 12.61 18.94 -4.54
O3' GDP M . 12.67 20.35 -4.32
C2' GDP M . 11.35 18.36 -3.92
O2' GDP M . 10.60 19.40 -3.27
C1' GDP M . 10.57 17.77 -5.08
N9 GDP M . 10.06 16.42 -4.71
C8 GDP M . 10.79 15.31 -4.60
N7 GDP M . 10.02 14.24 -4.25
C5 GDP M . 8.76 14.70 -4.14
C6 GDP M . 7.44 14.10 -3.78
O6 GDP M . 7.33 12.89 -3.52
N1 GDP M . 6.38 14.91 -3.77
C2 GDP M . 6.47 16.23 -4.06
N2 GDP M . 5.34 16.99 -4.02
N3 GDP M . 7.64 16.84 -4.38
C4 GDP M . 8.79 16.13 -4.43
MG MG N . 19.52 14.51 -6.51
CA CA O . 32.34 14.00 -15.99
CA CA P . 33.28 10.35 -18.46
CA CA Q . 48.39 9.58 -6.10
CA CA R . 47.08 5.64 -6.94
PB GDP S . -11.18 3.64 2.50
O1B GDP S . -12.30 3.39 1.51
O2B GDP S . -11.25 5.06 3.02
O3B GDP S . -11.31 2.70 3.67
O3A GDP S . -9.75 3.40 1.80
PA GDP S . -9.60 3.03 0.25
O1A GDP S . -10.30 1.73 -0.08
O2A GDP S . -10.12 4.15 -0.63
O5' GDP S . -8.00 2.88 0.09
C5' GDP S . -7.25 3.97 -0.44
C4' GDP S . -5.84 3.51 -0.76
O4' GDP S . -5.48 2.40 0.06
C3' GDP S . -5.74 3.04 -2.21
O3' GDP S . -4.93 3.96 -2.96
C2' GDP S . -5.08 1.68 -2.16
O2' GDP S . -3.90 1.68 -2.97
C1' GDP S . -4.71 1.47 -0.70
N9 GDP S . -5.04 0.08 -0.29
C8 GDP S . -6.24 -0.40 0.09
N7 GDP S . -6.17 -1.72 0.40
C5 GDP S . -4.90 -2.11 0.22
C6 GDP S . -4.14 -3.37 0.37
O6 GDP S . -4.69 -4.42 0.75
N1 GDP S . -2.82 -3.35 0.09
C2 GDP S . -2.19 -2.23 -0.32
N2 GDP S . -0.87 -2.30 -0.59
N3 GDP S . -2.83 -1.05 -0.48
C4 GDP S . -4.15 -0.92 -0.22
MG MG T . -14.03 4.51 0.66
CA CA U . -23.21 15.88 6.37
CA CA V . -25.42 15.42 10.02
CA CA W . -41.74 12.60 0.86
CA CA X . -40.86 15.52 -2.78
PB GDP Y . -33.88 10.96 -42.80
O1B GDP Y . -33.78 9.65 -43.52
O2B GDP Y . -34.75 10.77 -41.59
O3B GDP Y . -32.50 11.42 -42.37
O3A GDP Y . -34.53 12.07 -43.76
PA GDP Y . -33.78 13.45 -44.11
O1A GDP Y . -32.44 13.17 -44.74
O2A GDP Y . -33.62 14.31 -42.88
O5' GDP Y . -34.78 14.14 -45.17
C5' GDP Y . -34.35 14.30 -46.52
C4' GDP Y . -35.17 15.40 -47.18
O4' GDP Y . -36.45 15.54 -46.56
C3' GDP Y . -34.47 16.75 -47.06
O3' GDP Y . -33.88 17.11 -48.31
C2' GDP Y . -35.56 17.73 -46.69
O2' GDP Y . -35.71 18.70 -47.72
C1' GDP Y . -36.84 16.91 -46.53
N9 GDP Y . -37.49 17.25 -45.24
C8 GDP Y . -37.13 16.77 -44.03
N7 GDP Y . -37.94 17.29 -43.05
C5 GDP Y . -38.83 18.10 -43.64
C6 GDP Y . -39.95 18.95 -43.21
O6 GDP Y . -40.26 19.03 -41.99
N1 GDP Y . -40.62 19.65 -44.13
C2 GDP Y . -40.31 19.58 -45.44
N2 GDP Y . -41.04 20.31 -46.31
N3 GDP Y . -39.29 18.82 -45.92
C4 GDP Y . -38.52 18.08 -45.08
MG MG Z . -30.74 10.53 -41.43
PB GDP AA . 36.37 -5.02 40.71
O1B GDP AA . 36.80 -6.19 39.86
O2B GDP AA . 35.78 -5.54 41.99
O3B GDP AA . 35.35 -4.18 39.96
O3A GDP AA . 37.67 -4.12 41.05
PA GDP AA . 37.89 -2.66 40.41
O1A GDP AA . 37.91 -2.72 38.90
O2A GDP AA . 36.83 -1.70 40.88
O5' GDP AA . 39.33 -2.25 41.00
C5' GDP AA . 39.42 -1.30 42.05
C4' GDP AA . 40.83 -0.74 42.13
O4' GDP AA . 41.78 -1.65 41.57
C3' GDP AA . 40.94 0.56 41.33
O3' GDP AA . 41.01 1.69 42.22
C2' GDP AA . 42.22 0.44 40.54
O2' GDP AA . 43.14 1.47 40.92
C1' GDP AA . 42.80 -0.93 40.87
N9 GDP AA . 43.17 -1.64 39.63
C8 GDP AA . 42.30 -2.21 38.76
N7 GDP AA . 42.97 -2.78 37.72
C5 GDP AA . 44.28 -2.56 37.90
C6 GDP AA . 45.53 -2.89 37.18
O6 GDP AA . 45.50 -3.53 36.10
N1 GDP AA . 46.69 -2.49 37.71
C2 GDP AA . 46.75 -1.80 38.86
N2 GDP AA . 47.96 -1.43 39.33
N3 GDP AA . 45.65 -1.47 39.58
C4 GDP AA . 44.41 -1.82 39.16
MG MG BA . 33.36 -3.74 39.72
CA CA CA . 20.95 -10.76 22.45
CA CA DA . 23.25 -6.67 23.02
#